data_4IT5
#
_entry.id   4IT5
#
_cell.length_a   55.430
_cell.length_b   100.714
_cell.length_c   70.346
_cell.angle_alpha   90.000
_cell.angle_beta   90.470
_cell.angle_gamma   90.000
#
_symmetry.space_group_name_H-M   'P 1 21 1'
#
loop_
_entity.id
_entity.type
_entity.pdbx_description
1 polymer 'Co-chaperone protein HscB homolog'
2 non-polymer 'CALCIUM ION'
3 water water
#
_entity_poly.entity_id   1
_entity_poly.type   'polypeptide(L)'
_entity_poly.pdbx_seq_one_letter_code
;SNA(MSE)NYFELFGLPIQFELDGSLLSSQFRALQKRFHPDNFATASERDRL(MSE)AVQQAAQINDAYQTLKDPLRRAE
YLLSLQGIE(MSE)NAEQQTLQDP(MSE)FL(MSE)EQ(MSE)ELREELESVTACADPEAALVAFDTKVTA(MSE)QRHY
LAQLQGQLAQSEWLAAADQIRKLKFIAKLKNEVERVEDQLLG
;
_entity_poly.pdbx_strand_id   A,B,C,D
#
loop_
_chem_comp.id
_chem_comp.type
_chem_comp.name
_chem_comp.formula
CA non-polymer 'CALCIUM ION' 'Ca 2'
#
# COMPACT_ATOMS: atom_id res chain seq x y z
N MSE A 4 -14.13 35.27 8.90
CA MSE A 4 -14.63 34.41 7.82
C MSE A 4 -14.60 32.93 8.21
O MSE A 4 -13.61 32.44 8.75
CB MSE A 4 -13.81 34.60 6.55
CG MSE A 4 -14.46 35.47 5.48
SE MSE A 4 -13.40 35.57 3.83
CE MSE A 4 -11.69 36.07 4.61
N ASN A 5 -15.69 32.23 7.91
CA ASN A 5 -15.70 30.78 8.06
C ASN A 5 -15.12 30.10 6.82
N TYR A 6 -14.89 28.80 6.91
CA TYR A 6 -14.24 28.05 5.83
C TYR A 6 -15.03 28.11 4.53
N PHE A 7 -16.35 28.14 4.63
CA PHE A 7 -17.22 28.20 3.45
C PHE A 7 -17.07 29.53 2.71
N GLU A 8 -17.25 30.63 3.45
CA GLU A 8 -17.13 31.97 2.89
C GLU A 8 -15.74 32.19 2.32
N LEU A 9 -14.74 31.58 2.96
CA LEU A 9 -13.36 31.65 2.49
C LEU A 9 -13.22 31.15 1.05
N PHE A 10 -14.06 30.17 0.67
CA PHE A 10 -14.04 29.68 -0.70
C PHE A 10 -15.23 30.22 -1.49
N GLY A 11 -16.01 31.08 -0.86
CA GLY A 11 -17.20 31.63 -1.48
C GLY A 11 -18.31 30.61 -1.63
N LEU A 12 -18.33 29.62 -0.73
CA LEU A 12 -19.31 28.53 -0.81
C LEU A 12 -20.49 28.78 0.12
N PRO A 13 -21.67 28.26 -0.24
CA PRO A 13 -22.84 28.36 0.65
C PRO A 13 -22.64 27.45 1.86
N ILE A 14 -23.09 27.87 3.04
CA ILE A 14 -22.99 27.05 4.23
C ILE A 14 -24.01 25.91 4.17
N GLN A 15 -23.54 24.71 3.81
CA GLN A 15 -24.40 23.54 3.69
C GLN A 15 -23.51 22.30 3.53
N PHE A 16 -24.07 21.12 3.73
CA PHE A 16 -23.31 19.89 3.60
C PHE A 16 -23.02 19.56 2.14
N GLU A 17 -23.98 19.86 1.27
CA GLU A 17 -23.84 19.57 -0.15
C GLU A 17 -22.69 20.38 -0.71
N LEU A 18 -21.73 19.69 -1.35
CA LEU A 18 -20.55 20.36 -1.84
C LEU A 18 -20.04 19.85 -3.18
N ASP A 19 -19.79 20.78 -4.10
CA ASP A 19 -19.13 20.48 -5.38
C ASP A 19 -17.64 20.29 -5.13
N GLY A 20 -17.18 19.04 -5.14
CA GLY A 20 -15.79 18.71 -4.84
C GLY A 20 -14.78 19.25 -5.83
N SER A 21 -15.11 19.18 -7.11
CA SER A 21 -14.22 19.68 -8.16
C SER A 21 -14.04 21.19 -8.04
N LEU A 22 -15.14 21.89 -7.78
CA LEU A 22 -15.11 23.34 -7.60
C LEU A 22 -14.24 23.72 -6.40
N LEU A 23 -14.39 22.99 -5.30
CA LEU A 23 -13.60 23.23 -4.10
C LEU A 23 -12.12 23.06 -4.38
N SER A 24 -11.77 22.01 -5.12
CA SER A 24 -10.38 21.74 -5.49
C SER A 24 -9.80 22.82 -6.39
N SER A 25 -10.64 23.41 -7.23
CA SER A 25 -10.21 24.49 -8.11
C SER A 25 -10.08 25.80 -7.34
N GLN A 26 -11.04 26.06 -6.46
CA GLN A 26 -11.00 27.24 -5.61
C GLN A 26 -9.79 27.18 -4.67
N PHE A 27 -9.53 26.00 -4.10
CA PHE A 27 -8.36 25.81 -3.25
C PHE A 27 -7.08 26.08 -4.03
N ARG A 28 -7.00 25.53 -5.24
CA ARG A 28 -5.82 25.71 -6.09
C ARG A 28 -5.50 27.18 -6.32
N ALA A 29 -6.53 27.96 -6.63
CA ALA A 29 -6.35 29.40 -6.85
C ALA A 29 -5.87 30.11 -5.59
N LEU A 30 -6.46 29.76 -4.45
CA LEU A 30 -6.07 30.34 -3.17
C LEU A 30 -4.64 29.95 -2.80
N GLN A 31 -4.37 28.66 -2.88
CA GLN A 31 -3.06 28.09 -2.55
C GLN A 31 -1.96 28.72 -3.40
N LYS A 32 -2.30 28.98 -4.66
CA LYS A 32 -1.41 29.62 -5.61
C LYS A 32 -1.16 31.06 -5.17
N ARG A 33 -2.24 31.74 -4.81
CA ARG A 33 -2.19 33.16 -4.46
C ARG A 33 -1.43 33.41 -3.16
N PHE A 34 -1.63 32.54 -2.17
CA PHE A 34 -1.08 32.77 -0.84
C PHE A 34 0.16 31.92 -0.55
N HIS A 35 0.71 31.28 -1.58
CA HIS A 35 1.94 30.52 -1.44
C HIS A 35 3.07 31.45 -0.97
N PRO A 36 3.82 31.02 0.05
CA PRO A 36 4.89 31.81 0.70
C PRO A 36 5.88 32.40 -0.30
N ASP A 37 6.08 31.74 -1.43
CA ASP A 37 6.97 32.24 -2.47
C ASP A 37 6.55 33.63 -2.97
N ASN A 38 5.26 33.93 -2.89
CA ASN A 38 4.72 35.21 -3.35
C ASN A 38 5.02 36.36 -2.38
N PHE A 39 5.68 36.04 -1.27
CA PHE A 39 5.95 37.03 -0.23
C PHE A 39 7.39 36.96 0.25
N ALA A 40 8.23 36.25 -0.49
CA ALA A 40 9.62 35.99 -0.08
C ALA A 40 10.41 37.25 0.25
N THR A 41 10.13 38.35 -0.44
CA THR A 41 10.85 39.59 -0.19
C THR A 41 10.01 40.64 0.54
N ALA A 42 8.84 40.24 1.01
CA ALA A 42 8.01 41.14 1.82
C ALA A 42 8.62 41.34 3.21
N SER A 43 8.09 42.32 3.95
CA SER A 43 8.51 42.54 5.34
C SER A 43 8.15 41.32 6.18
N GLU A 44 8.89 41.09 7.28
CA GLU A 44 8.67 39.90 8.10
C GLU A 44 7.23 39.80 8.60
N ARG A 45 6.63 40.94 8.93
CA ARG A 45 5.25 40.97 9.39
C ARG A 45 4.31 40.47 8.30
N ASP A 46 4.51 40.93 7.07
CA ASP A 46 3.68 40.49 5.96
C ASP A 46 3.87 39.00 5.64
N ARG A 47 5.11 38.52 5.72
CA ARG A 47 5.39 37.11 5.45
C ARG A 47 4.69 36.20 6.43
N LEU A 48 4.78 36.53 7.72
CA LEU A 48 4.19 35.71 8.77
C LEU A 48 2.67 35.72 8.73
N MSE A 49 2.08 36.86 8.38
CA MSE A 49 0.64 36.92 8.22
C MSE A 49 0.21 36.12 6.99
O MSE A 49 -0.84 35.48 7.00
CB MSE A 49 0.16 38.38 8.12
CG MSE A 49 0.27 39.15 9.43
SE MSE A 49 -0.27 41.02 9.28
CE MSE A 49 -1.98 40.77 8.41
N ALA A 50 1.04 36.14 5.96
CA ALA A 50 0.75 35.39 4.73
C ALA A 50 0.81 33.87 4.94
N VAL A 51 1.79 33.39 5.71
CA VAL A 51 1.87 31.96 5.99
C VAL A 51 0.69 31.52 6.84
N GLN A 52 0.24 32.39 7.73
CA GLN A 52 -0.93 32.10 8.54
C GLN A 52 -2.19 32.00 7.67
N GLN A 53 -2.32 32.92 6.71
CA GLN A 53 -3.44 32.87 5.78
C GLN A 53 -3.36 31.61 4.93
N ALA A 54 -2.16 31.25 4.52
CA ALA A 54 -1.96 30.04 3.74
C ALA A 54 -2.32 28.80 4.55
N ALA A 55 -1.98 28.83 5.83
CA ALA A 55 -2.27 27.70 6.72
C ALA A 55 -3.77 27.53 6.93
N GLN A 56 -4.47 28.64 7.15
CA GLN A 56 -5.93 28.63 7.31
C GLN A 56 -6.64 28.09 6.07
N ILE A 57 -6.14 28.47 4.90
CA ILE A 57 -6.69 27.98 3.63
C ILE A 57 -6.55 26.47 3.52
N ASN A 58 -5.38 25.95 3.87
CA ASN A 58 -5.15 24.52 3.89
C ASN A 58 -6.07 23.80 4.88
N ASP A 59 -6.19 24.37 6.08
CA ASP A 59 -7.10 23.86 7.11
C ASP A 59 -8.55 23.84 6.63
N ALA A 60 -8.98 24.97 6.06
CA ALA A 60 -10.34 25.11 5.52
C ALA A 60 -10.61 24.04 4.47
N TYR A 61 -9.67 23.89 3.54
CA TYR A 61 -9.79 22.89 2.48
C TYR A 61 -9.89 21.49 3.05
N GLN A 62 -9.03 21.15 3.99
CA GLN A 62 -9.03 19.83 4.60
C GLN A 62 -10.31 19.55 5.38
N THR A 63 -10.84 20.59 6.02
CA THR A 63 -12.07 20.46 6.81
C THR A 63 -13.29 20.27 5.91
N LEU A 64 -13.32 20.97 4.79
CA LEU A 64 -14.46 20.93 3.86
C LEU A 64 -14.47 19.72 2.93
N LYS A 65 -13.29 19.25 2.53
CA LYS A 65 -13.22 18.15 1.55
C LYS A 65 -13.70 16.82 2.15
N ASP A 66 -13.56 16.66 3.46
CA ASP A 66 -14.03 15.44 4.12
C ASP A 66 -15.41 15.66 4.74
N PRO A 67 -16.39 14.86 4.29
CA PRO A 67 -17.80 14.97 4.72
C PRO A 67 -17.93 14.96 6.24
N LEU A 68 -17.20 14.09 6.91
CA LEU A 68 -17.28 13.98 8.37
C LEU A 68 -16.81 15.25 9.07
N ARG A 69 -15.63 15.73 8.69
CA ARG A 69 -15.11 16.97 9.24
C ARG A 69 -16.02 18.13 8.85
N ARG A 70 -16.51 18.10 7.61
CA ARG A 70 -17.44 19.13 7.12
C ARG A 70 -18.73 19.14 7.94
N ALA A 71 -19.32 17.96 8.14
CA ALA A 71 -20.53 17.85 8.94
C ALA A 71 -20.27 18.32 10.37
N GLU A 72 -19.13 17.92 10.92
CA GLU A 72 -18.74 18.32 12.27
C GLU A 72 -18.53 19.83 12.36
N TYR A 73 -17.94 20.41 11.31
CA TYR A 73 -17.75 21.85 11.24
C TYR A 73 -19.11 22.56 11.21
N LEU A 74 -20.04 22.03 10.44
CA LEU A 74 -21.40 22.55 10.41
C LEU A 74 -22.05 22.58 11.79
N LEU A 75 -21.88 21.49 12.55
CA LEU A 75 -22.39 21.43 13.93
C LEU A 75 -21.77 22.51 14.81
N SER A 76 -20.46 22.71 14.66
CA SER A 76 -19.73 23.69 15.47
C SER A 76 -20.17 25.12 15.17
N LEU A 77 -20.62 25.35 13.94
CA LEU A 77 -21.17 26.65 13.57
C LEU A 77 -22.48 26.93 14.31
N GLN A 78 -23.09 25.89 14.85
CA GLN A 78 -24.33 26.03 15.61
C GLN A 78 -24.04 26.07 17.10
N GLY A 79 -22.76 26.07 17.47
CA GLY A 79 -22.38 26.04 18.87
C GLY A 79 -22.45 24.64 19.45
N ILE A 80 -22.46 23.64 18.58
CA ILE A 80 -22.46 22.24 19.01
C ILE A 80 -21.06 21.63 18.93
N GLU A 81 -20.58 21.08 20.04
CA GLU A 81 -19.37 20.27 20.04
C GLU A 81 -19.61 18.99 20.81
N MSE A 82 -19.08 17.88 20.31
CA MSE A 82 -19.35 16.57 20.91
C MSE A 82 -18.08 15.92 21.48
O MSE A 82 -16.98 16.17 21.01
CB MSE A 82 -20.00 15.64 19.88
CG MSE A 82 -21.21 16.23 19.16
SE MSE A 82 -22.74 16.65 20.29
CE MSE A 82 -23.05 14.90 21.07
N ASN A 83 -18.28 15.08 22.50
CA ASN A 83 -17.17 14.37 23.14
C ASN A 83 -17.07 12.94 22.64
N GLN A 90 -21.88 5.50 21.99
CA GLN A 90 -22.08 4.28 22.76
C GLN A 90 -22.77 3.23 21.90
N ASP A 91 -24.10 3.22 21.93
CA ASP A 91 -24.94 2.32 21.12
C ASP A 91 -24.39 0.90 21.11
N PRO A 92 -24.60 0.16 22.22
CA PRO A 92 -24.00 -1.16 22.46
C PRO A 92 -24.17 -2.12 21.29
N MSE A 93 -25.34 -2.11 20.68
CA MSE A 93 -25.58 -2.98 19.53
C MSE A 93 -24.74 -2.59 18.33
O MSE A 93 -24.19 -3.46 17.64
CB MSE A 93 -27.08 -2.98 19.17
CG MSE A 93 -27.47 -4.01 18.15
SE MSE A 93 -29.40 -4.24 18.15
CE MSE A 93 -29.91 -2.42 17.65
N PHE A 94 -24.62 -1.30 18.07
CA PHE A 94 -23.74 -0.84 17.01
C PHE A 94 -22.30 -1.29 17.29
N LEU A 95 -21.86 -1.11 18.54
CA LEU A 95 -20.53 -1.58 18.97
C LEU A 95 -20.31 -3.05 18.66
N MSE A 96 -21.23 -3.88 19.11
CA MSE A 96 -21.13 -5.33 18.92
C MSE A 96 -21.02 -5.68 17.45
O MSE A 96 -20.20 -6.51 17.05
CB MSE A 96 -22.35 -6.01 19.53
CG MSE A 96 -22.42 -7.49 19.28
SE MSE A 96 -22.66 -8.46 20.93
CE MSE A 96 -23.78 -7.19 21.86
N GLU A 97 -21.85 -5.06 16.62
CA GLU A 97 -21.85 -5.34 15.19
C GLU A 97 -20.53 -4.92 14.54
N GLN A 98 -19.99 -3.78 14.98
CA GLN A 98 -18.70 -3.33 14.47
C GLN A 98 -17.59 -4.30 14.86
N MSE A 99 -17.70 -4.88 16.06
CA MSE A 99 -16.75 -5.90 16.50
C MSE A 99 -16.86 -7.14 15.61
O MSE A 99 -15.86 -7.73 15.23
CB MSE A 99 -16.97 -6.26 17.97
CG MSE A 99 -16.69 -5.12 18.95
SE MSE A 99 -16.97 -5.56 20.83
CE MSE A 99 -15.15 -6.08 21.31
N GLU A 100 -18.10 -7.54 15.30
CA GLU A 100 -18.35 -8.68 14.43
C GLU A 100 -17.80 -8.46 13.03
N LEU A 101 -18.05 -7.28 12.47
CA LEU A 101 -17.53 -6.93 11.14
C LEU A 101 -16.01 -6.97 11.13
N ARG A 102 -15.41 -6.41 12.16
CA ARG A 102 -13.96 -6.44 12.31
C ARG A 102 -13.48 -7.90 12.36
N GLU A 103 -14.20 -8.72 13.10
CA GLU A 103 -13.90 -10.14 13.20
C GLU A 103 -13.99 -10.81 11.85
N GLU A 104 -15.07 -10.54 11.12
CA GLU A 104 -15.27 -11.12 9.79
C GLU A 104 -14.13 -10.72 8.86
N LEU A 105 -13.70 -9.47 8.95
CA LEU A 105 -12.62 -8.96 8.10
C LEU A 105 -11.33 -9.74 8.32
N GLU A 106 -11.06 -10.09 9.57
CA GLU A 106 -9.85 -10.85 9.90
C GLU A 106 -9.87 -12.28 9.39
N SER A 107 -11.05 -12.76 9.00
CA SER A 107 -11.19 -14.11 8.48
C SER A 107 -10.96 -14.18 6.97
N VAL A 108 -11.22 -13.07 6.28
CA VAL A 108 -11.07 -12.95 4.84
C VAL A 108 -9.85 -13.68 4.27
N THR A 109 -8.70 -13.47 4.91
CA THR A 109 -7.46 -14.17 4.57
C THR A 109 -7.66 -15.69 4.54
N ALA A 110 -8.26 -16.21 5.60
CA ALA A 110 -8.49 -17.65 5.72
C ALA A 110 -9.81 -18.07 5.05
N CYS A 111 -9.98 -17.68 3.80
CA CYS A 111 -11.15 -18.09 3.02
C CYS A 111 -10.71 -18.88 1.80
N ALA A 112 -11.68 -19.47 1.11
CA ALA A 112 -11.40 -20.14 -0.16
C ALA A 112 -10.80 -19.14 -1.13
N ASP A 113 -11.57 -18.09 -1.46
CA ASP A 113 -11.06 -17.01 -2.27
C ASP A 113 -11.09 -15.71 -1.48
N PRO A 114 -9.97 -15.42 -0.77
CA PRO A 114 -9.80 -14.22 0.06
C PRO A 114 -10.04 -12.98 -0.79
N GLU A 115 -9.48 -13.00 -1.99
CA GLU A 115 -9.65 -11.93 -2.95
C GLU A 115 -11.13 -11.66 -3.24
N ALA A 116 -11.93 -12.72 -3.28
CA ALA A 116 -13.36 -12.58 -3.55
C ALA A 116 -14.16 -12.20 -2.31
N ALA A 117 -13.77 -12.76 -1.16
CA ALA A 117 -14.45 -12.43 0.09
C ALA A 117 -14.20 -10.97 0.49
N LEU A 118 -13.00 -10.50 0.21
CA LEU A 118 -12.65 -9.10 0.47
C LEU A 118 -13.54 -8.16 -0.33
N VAL A 119 -13.67 -8.45 -1.63
CA VAL A 119 -14.55 -7.69 -2.50
C VAL A 119 -15.97 -7.65 -1.95
N ALA A 120 -16.49 -8.81 -1.58
CA ALA A 120 -17.82 -8.91 -0.99
C ALA A 120 -17.95 -8.05 0.28
N PHE A 121 -16.96 -8.17 1.17
CA PHE A 121 -16.95 -7.42 2.41
C PHE A 121 -16.86 -5.93 2.14
N ASP A 122 -16.03 -5.55 1.17
CA ASP A 122 -15.80 -4.14 0.85
C ASP A 122 -17.06 -3.45 0.33
N THR A 123 -17.86 -4.17 -0.45
CA THR A 123 -19.10 -3.59 -0.99
C THR A 123 -20.12 -3.41 0.12
N LYS A 124 -20.18 -4.36 1.04
CA LYS A 124 -21.05 -4.26 2.19
C LYS A 124 -20.72 -3.03 3.06
N VAL A 125 -19.44 -2.85 3.36
CA VAL A 125 -19.00 -1.70 4.15
C VAL A 125 -19.26 -0.38 3.43
N THR A 126 -18.99 -0.36 2.12
CA THR A 126 -19.21 0.85 1.32
C THR A 126 -20.69 1.21 1.23
N ALA A 127 -21.54 0.21 1.03
CA ALA A 127 -22.98 0.43 1.00
C ALA A 127 -23.45 1.03 2.33
N MSE A 128 -22.92 0.47 3.42
CA MSE A 128 -23.22 0.92 4.78
C MSE A 128 -22.80 2.38 4.97
O MSE A 128 -23.54 3.18 5.55
CB MSE A 128 -22.50 -0.02 5.75
CG MSE A 128 -22.53 0.39 7.20
SE MSE A 128 -21.91 -1.11 8.31
CE MSE A 128 -23.52 -2.21 8.21
N GLN A 129 -21.61 2.70 4.48
CA GLN A 129 -21.09 4.06 4.55
C GLN A 129 -21.98 5.00 3.75
N ARG A 130 -22.39 4.53 2.58
CA ARG A 130 -23.25 5.32 1.69
C ARG A 130 -24.59 5.63 2.36
N HIS A 131 -25.16 4.63 3.04
CA HIS A 131 -26.44 4.79 3.72
C HIS A 131 -26.35 5.77 4.89
N TYR A 132 -25.29 5.64 5.71
CA TYR A 132 -25.08 6.58 6.80
C TYR A 132 -24.85 8.00 6.28
N LEU A 133 -24.11 8.12 5.18
CA LEU A 133 -23.83 9.41 4.57
C LEU A 133 -25.10 10.11 4.09
N ALA A 134 -25.99 9.35 3.45
CA ALA A 134 -27.25 9.91 2.99
C ALA A 134 -28.13 10.35 4.16
N GLN A 135 -28.15 9.55 5.22
CA GLN A 135 -28.90 9.88 6.42
C GLN A 135 -28.36 11.16 7.05
N LEU A 136 -27.04 11.26 7.15
CA LEU A 136 -26.39 12.45 7.69
C LEU A 136 -26.76 13.71 6.91
N GLN A 137 -26.71 13.61 5.59
CA GLN A 137 -27.10 14.72 4.72
C GLN A 137 -28.53 15.15 4.98
N GLY A 138 -29.42 14.17 5.10
CA GLY A 138 -30.83 14.43 5.32
C GLY A 138 -31.12 15.20 6.59
N GLN A 139 -30.48 14.81 7.70
CA GLN A 139 -30.79 15.46 8.96
C GLN A 139 -30.08 16.80 9.14
N LEU A 140 -28.93 16.96 8.48
CA LEU A 140 -28.27 18.27 8.46
C LEU A 140 -29.16 19.27 7.74
N ALA A 141 -29.75 18.84 6.62
CA ALA A 141 -30.66 19.69 5.85
C ALA A 141 -31.88 20.10 6.67
N GLN A 142 -32.27 19.26 7.62
CA GLN A 142 -33.44 19.52 8.44
C GLN A 142 -33.07 19.97 9.85
N SER A 143 -31.82 20.42 10.02
CA SER A 143 -31.33 20.90 11.30
C SER A 143 -31.51 19.91 12.46
N GLU A 144 -31.51 18.61 12.15
CA GLU A 144 -31.58 17.57 13.17
C GLU A 144 -30.16 17.27 13.66
N TRP A 145 -29.57 18.24 14.37
CA TRP A 145 -28.17 18.16 14.74
C TRP A 145 -27.85 16.95 15.61
N LEU A 146 -28.78 16.62 16.51
CA LEU A 146 -28.60 15.49 17.41
C LEU A 146 -28.40 14.20 16.62
N ALA A 147 -29.32 13.91 15.71
CA ALA A 147 -29.22 12.73 14.88
C ALA A 147 -27.98 12.79 13.99
N ALA A 148 -27.66 13.99 13.50
CA ALA A 148 -26.47 14.20 12.66
C ALA A 148 -25.19 13.80 13.38
N ALA A 149 -25.05 14.26 14.62
CA ALA A 149 -23.90 13.93 15.44
C ALA A 149 -23.79 12.42 15.64
N ASP A 150 -24.92 11.74 15.79
CA ASP A 150 -24.93 10.29 15.91
C ASP A 150 -24.40 9.63 14.64
N GLN A 151 -24.81 10.16 13.49
CA GLN A 151 -24.34 9.66 12.20
C GLN A 151 -22.84 9.83 12.07
N ILE A 152 -22.35 11.01 12.46
CA ILE A 152 -20.92 11.30 12.42
C ILE A 152 -20.09 10.27 13.20
N ARG A 153 -20.47 10.00 14.45
CA ARG A 153 -19.79 9.01 15.27
C ARG A 153 -19.70 7.66 14.61
N LYS A 154 -20.81 7.20 14.04
CA LYS A 154 -20.87 5.89 13.43
C LYS A 154 -20.03 5.85 12.17
N LEU A 155 -20.11 6.92 11.38
CA LEU A 155 -19.28 7.03 10.18
C LEU A 155 -17.78 7.03 10.51
N LYS A 156 -17.41 7.53 11.68
CA LYS A 156 -16.00 7.48 12.08
C LYS A 156 -15.58 6.03 12.31
N PHE A 157 -16.49 5.22 12.85
CA PHE A 157 -16.26 3.79 12.98
C PHE A 157 -16.09 3.15 11.60
N ILE A 158 -17.03 3.45 10.70
CA ILE A 158 -17.03 2.90 9.35
C ILE A 158 -15.74 3.26 8.61
N ALA A 159 -15.32 4.51 8.73
CA ALA A 159 -14.10 4.99 8.08
C ALA A 159 -12.88 4.18 8.49
N LYS A 160 -12.72 3.98 9.80
CA LYS A 160 -11.64 3.15 10.32
C LYS A 160 -11.74 1.72 9.79
N LEU A 161 -12.97 1.20 9.76
CA LEU A 161 -13.19 -0.13 9.21
C LEU A 161 -12.75 -0.15 7.74
N LYS A 162 -13.24 0.81 6.97
CA LYS A 162 -12.84 0.95 5.56
C LYS A 162 -11.31 1.03 5.42
N ASN A 163 -10.67 1.69 6.37
CA ASN A 163 -9.21 1.76 6.36
C ASN A 163 -8.59 0.38 6.57
N GLU A 164 -9.20 -0.42 7.44
CA GLU A 164 -8.69 -1.77 7.68
C GLU A 164 -8.84 -2.69 6.47
N VAL A 165 -9.91 -2.55 5.70
CA VAL A 165 -10.07 -3.38 4.49
C VAL A 165 -9.02 -3.04 3.43
N GLU A 166 -8.68 -1.76 3.32
CA GLU A 166 -7.68 -1.32 2.36
C GLU A 166 -6.29 -1.79 2.77
N ARG A 167 -6.10 -2.02 4.06
CA ARG A 167 -4.88 -2.64 4.58
C ARG A 167 -4.78 -4.10 4.17
N VAL A 168 -5.91 -4.81 4.26
CA VAL A 168 -5.96 -6.22 3.88
C VAL A 168 -5.83 -6.37 2.36
N GLU A 169 -6.37 -5.40 1.62
CA GLU A 169 -6.23 -5.41 0.17
C GLU A 169 -4.75 -5.30 -0.23
N ASP A 170 -4.01 -4.46 0.49
CA ASP A 170 -2.59 -4.31 0.23
C ASP A 170 -1.81 -5.58 0.60
N GLN A 171 -2.31 -6.31 1.59
CA GLN A 171 -1.73 -7.59 1.96
C GLN A 171 -1.93 -8.63 0.86
N LEU A 172 -3.13 -8.65 0.28
CA LEU A 172 -3.49 -9.65 -0.72
C LEU A 172 -2.90 -9.36 -2.10
N LEU A 173 -2.76 -8.08 -2.43
CA LEU A 173 -2.11 -7.66 -3.68
C LEU A 173 -0.67 -8.17 -3.71
N ASN B 5 7.97 -33.26 -10.78
CA ASN B 5 6.72 -32.51 -10.92
C ASN B 5 6.26 -31.92 -9.59
N TYR B 6 5.78 -30.67 -9.66
CA TYR B 6 5.34 -29.93 -8.48
C TYR B 6 4.09 -30.50 -7.83
N PHE B 7 3.15 -30.96 -8.64
CA PHE B 7 1.89 -31.50 -8.12
C PHE B 7 2.10 -32.71 -7.23
N GLU B 8 2.93 -33.65 -7.68
CA GLU B 8 3.23 -34.86 -6.92
C GLU B 8 3.78 -34.51 -5.55
N LEU B 9 4.74 -33.58 -5.53
CA LEU B 9 5.41 -33.12 -4.31
C LEU B 9 4.42 -32.88 -3.17
N PHE B 10 3.28 -32.29 -3.52
CA PHE B 10 2.26 -31.97 -2.53
C PHE B 10 1.15 -33.03 -2.54
N GLY B 11 1.27 -34.01 -3.42
CA GLY B 11 0.30 -35.08 -3.50
C GLY B 11 -1.05 -34.62 -4.03
N LEU B 12 -0.99 -33.79 -5.07
CA LEU B 12 -2.19 -33.26 -5.72
C LEU B 12 -2.27 -33.80 -7.14
N PRO B 13 -3.48 -33.92 -7.69
CA PRO B 13 -3.59 -34.36 -9.09
C PRO B 13 -3.11 -33.26 -10.03
N ILE B 14 -2.74 -33.63 -11.26
CA ILE B 14 -2.32 -32.66 -12.25
C ILE B 14 -3.52 -31.94 -12.87
N GLN B 15 -3.85 -30.78 -12.32
CA GLN B 15 -5.01 -30.04 -12.78
C GLN B 15 -4.96 -28.58 -12.35
N PHE B 16 -5.86 -27.78 -12.91
CA PHE B 16 -5.94 -26.37 -12.58
C PHE B 16 -6.71 -26.14 -11.28
N GLU B 17 -7.74 -26.93 -11.05
CA GLU B 17 -8.54 -26.81 -9.83
C GLU B 17 -7.72 -27.20 -8.62
N LEU B 18 -7.78 -26.38 -7.57
CA LEU B 18 -6.90 -26.55 -6.42
C LEU B 18 -7.52 -25.97 -5.15
N ASP B 19 -7.62 -26.79 -4.10
CA ASP B 19 -8.05 -26.28 -2.80
C ASP B 19 -6.91 -25.58 -2.09
N GLY B 20 -7.09 -24.30 -1.82
CA GLY B 20 -6.10 -23.52 -1.11
C GLY B 20 -5.84 -24.06 0.28
N SER B 21 -6.89 -24.11 1.10
CA SER B 21 -6.81 -24.57 2.49
C SER B 21 -6.03 -25.89 2.65
N LEU B 22 -6.23 -26.81 1.73
CA LEU B 22 -5.45 -28.05 1.70
C LEU B 22 -3.98 -27.70 1.51
N LEU B 23 -3.63 -27.37 0.27
CA LEU B 23 -2.26 -27.06 -0.14
C LEU B 23 -1.51 -26.17 0.84
N SER B 24 -2.11 -25.03 1.20
CA SER B 24 -1.49 -24.07 2.11
C SER B 24 -1.09 -24.69 3.44
N SER B 25 -1.92 -25.59 3.95
CA SER B 25 -1.60 -26.32 5.17
C SER B 25 -0.89 -27.63 4.88
N GLN B 26 -0.91 -28.04 3.61
CA GLN B 26 -0.17 -29.21 3.17
C GLN B 26 1.28 -28.82 2.89
N PHE B 27 1.48 -27.55 2.54
CA PHE B 27 2.81 -26.97 2.37
C PHE B 27 3.58 -27.08 3.68
N ARG B 28 2.92 -26.73 4.78
CA ARG B 28 3.53 -26.77 6.11
C ARG B 28 4.03 -28.17 6.51
N ALA B 29 3.49 -29.21 5.86
CA ALA B 29 3.90 -30.58 6.14
C ALA B 29 5.29 -30.88 5.59
N LEU B 30 5.49 -30.62 4.30
CA LEU B 30 6.79 -30.78 3.67
C LEU B 30 7.80 -29.81 4.27
N GLN B 31 7.33 -28.61 4.57
CA GLN B 31 8.17 -27.55 5.13
C GLN B 31 8.77 -27.97 6.47
N LYS B 32 7.92 -28.48 7.36
CA LYS B 32 8.37 -28.89 8.69
C LYS B 32 9.09 -30.24 8.68
N ARG B 33 9.37 -30.77 7.50
CA ARG B 33 10.14 -32.01 7.37
C ARG B 33 11.51 -31.69 6.79
N PHE B 34 11.52 -31.03 5.63
CA PHE B 34 12.76 -30.67 4.94
C PHE B 34 13.36 -29.37 5.45
N HIS B 35 12.92 -28.91 6.61
CA HIS B 35 13.50 -27.69 7.18
C HIS B 35 14.97 -27.92 7.43
N PRO B 36 15.82 -27.06 6.86
CA PRO B 36 17.28 -27.20 6.91
C PRO B 36 17.84 -27.19 8.33
N ASP B 37 17.07 -26.68 9.30
CA ASP B 37 17.53 -26.61 10.68
C ASP B 37 17.77 -28.00 11.27
N ASN B 38 17.13 -29.00 10.68
CA ASN B 38 17.35 -30.40 11.08
C ASN B 38 18.75 -30.87 10.68
N PHE B 39 19.36 -30.14 9.74
CA PHE B 39 20.68 -30.49 9.23
C PHE B 39 21.71 -29.40 9.55
N ALA B 40 21.43 -28.65 10.61
CA ALA B 40 22.30 -27.54 11.04
C ALA B 40 23.68 -28.02 11.46
N THR B 41 23.77 -29.26 11.96
CA THR B 41 25.06 -29.77 12.43
C THR B 41 25.56 -30.92 11.55
N ALA B 42 24.89 -31.15 10.43
CA ALA B 42 25.26 -32.25 9.53
C ALA B 42 26.47 -31.92 8.66
N SER B 43 26.84 -32.86 7.77
CA SER B 43 27.86 -32.57 6.77
C SER B 43 27.36 -31.45 5.86
N GLU B 44 28.28 -30.73 5.25
CA GLU B 44 27.87 -29.62 4.38
C GLU B 44 27.07 -30.10 3.16
N ARG B 45 27.50 -31.22 2.57
CA ARG B 45 26.76 -31.82 1.46
C ARG B 45 25.29 -32.08 1.81
N ASP B 46 25.06 -32.68 2.97
CA ASP B 46 23.70 -33.01 3.39
C ASP B 46 22.89 -31.75 3.71
N ARG B 47 23.53 -30.77 4.34
CA ARG B 47 22.86 -29.52 4.67
C ARG B 47 22.45 -28.74 3.43
N LEU B 48 23.35 -28.62 2.46
CA LEU B 48 23.08 -27.87 1.23
C LEU B 48 21.98 -28.55 0.40
N MSE B 49 22.01 -29.88 0.37
CA MSE B 49 20.97 -30.66 -0.27
C MSE B 49 19.61 -30.41 0.36
O MSE B 49 18.61 -30.23 -0.33
CB MSE B 49 21.31 -32.15 -0.22
CG MSE B 49 22.30 -32.60 -1.29
SE MSE B 49 22.59 -34.53 -1.32
CE MSE B 49 23.15 -34.71 -3.18
N ALA B 50 19.57 -30.39 1.70
CA ALA B 50 18.34 -30.07 2.41
C ALA B 50 17.86 -28.67 2.05
N VAL B 51 18.80 -27.73 1.98
CA VAL B 51 18.49 -26.36 1.58
C VAL B 51 17.89 -26.33 0.18
N GLN B 52 18.50 -27.04 -0.75
CA GLN B 52 18.01 -27.12 -2.12
C GLN B 52 16.62 -27.73 -2.20
N GLN B 53 16.38 -28.76 -1.40
CA GLN B 53 15.06 -29.40 -1.39
C GLN B 53 14.01 -28.46 -0.82
N ALA B 54 14.36 -27.76 0.25
CA ALA B 54 13.44 -26.82 0.88
C ALA B 54 13.07 -25.68 -0.06
N ALA B 55 14.06 -25.21 -0.83
CA ALA B 55 13.83 -24.16 -1.81
C ALA B 55 12.94 -24.64 -2.96
N GLN B 56 13.17 -25.86 -3.43
CA GLN B 56 12.38 -26.41 -4.53
C GLN B 56 10.92 -26.57 -4.13
N ILE B 57 10.70 -26.95 -2.86
CA ILE B 57 9.36 -27.02 -2.30
C ILE B 57 8.73 -25.63 -2.27
N ASN B 58 9.52 -24.64 -1.87
CA ASN B 58 9.08 -23.25 -1.85
C ASN B 58 8.63 -22.78 -3.23
N ASP B 59 9.47 -23.00 -4.24
CA ASP B 59 9.15 -22.66 -5.62
C ASP B 59 7.90 -23.39 -6.10
N ALA B 60 7.74 -24.62 -5.62
CA ALA B 60 6.60 -25.44 -6.00
C ALA B 60 5.29 -24.87 -5.44
N TYR B 61 5.27 -24.58 -4.14
CA TYR B 61 4.10 -23.99 -3.50
C TYR B 61 3.69 -22.67 -4.16
N GLN B 62 4.68 -21.81 -4.43
CA GLN B 62 4.43 -20.53 -5.08
C GLN B 62 3.82 -20.68 -6.46
N THR B 63 4.41 -21.58 -7.25
CA THR B 63 3.94 -21.86 -8.61
C THR B 63 2.49 -22.37 -8.61
N LEU B 64 2.18 -23.27 -7.68
CA LEU B 64 0.87 -23.89 -7.61
C LEU B 64 -0.19 -22.95 -7.00
N LYS B 65 0.19 -22.22 -5.96
CA LYS B 65 -0.74 -21.31 -5.28
C LYS B 65 -1.32 -20.23 -6.19
N ASP B 66 -0.50 -19.72 -7.11
CA ASP B 66 -0.94 -18.71 -8.05
C ASP B 66 -1.52 -19.34 -9.31
N PRO B 67 -2.77 -18.98 -9.65
CA PRO B 67 -3.51 -19.55 -10.78
C PRO B 67 -2.80 -19.34 -12.12
N LEU B 68 -2.29 -18.14 -12.36
CA LEU B 68 -1.56 -17.84 -13.59
C LEU B 68 -0.30 -18.68 -13.71
N ARG B 69 0.48 -18.71 -12.65
CA ARG B 69 1.68 -19.53 -12.60
C ARG B 69 1.36 -21.02 -12.71
N ARG B 70 0.27 -21.44 -12.06
CA ARG B 70 -0.15 -22.84 -12.14
C ARG B 70 -0.49 -23.22 -13.58
N ALA B 71 -1.29 -22.38 -14.23
CA ALA B 71 -1.70 -22.64 -15.61
C ALA B 71 -0.50 -22.70 -16.56
N GLU B 72 0.42 -21.75 -16.41
CA GLU B 72 1.63 -21.72 -17.23
C GLU B 72 2.50 -22.95 -17.03
N TYR B 73 2.63 -23.40 -15.78
CA TYR B 73 3.39 -24.60 -15.46
C TYR B 73 2.77 -25.84 -16.12
N LEU B 74 1.44 -25.90 -16.14
CA LEU B 74 0.72 -26.98 -16.80
C LEU B 74 1.06 -27.02 -18.29
N LEU B 75 1.07 -25.85 -18.92
CA LEU B 75 1.47 -25.72 -20.31
C LEU B 75 2.90 -26.19 -20.49
N SER B 76 3.78 -25.78 -19.57
CA SER B 76 5.18 -26.16 -19.58
C SER B 76 5.37 -27.68 -19.59
N LEU B 77 4.49 -28.38 -18.87
CA LEU B 77 4.54 -29.84 -18.82
C LEU B 77 4.25 -30.44 -20.21
N GLN B 78 3.45 -29.73 -21.00
CA GLN B 78 3.13 -30.18 -22.35
C GLN B 78 4.24 -29.80 -23.33
N GLY B 79 5.26 -29.12 -22.80
CA GLY B 79 6.41 -28.73 -23.60
C GLY B 79 6.24 -27.36 -24.24
N ILE B 80 5.22 -26.63 -23.81
CA ILE B 80 4.91 -25.33 -24.38
C ILE B 80 5.49 -24.18 -23.56
N GLU B 81 6.18 -23.26 -24.22
CA GLU B 81 6.80 -22.13 -23.56
C GLU B 81 6.24 -20.80 -24.05
N MSE B 82 6.09 -19.85 -23.12
CA MSE B 82 5.48 -18.56 -23.42
C MSE B 82 6.45 -17.63 -24.15
O MSE B 82 7.63 -17.93 -24.28
CB MSE B 82 5.04 -17.89 -22.11
CG MSE B 82 4.70 -18.89 -21.01
SE MSE B 82 3.17 -20.01 -21.45
CE MSE B 82 1.76 -18.74 -21.08
N ASN B 83 5.92 -16.50 -24.63
CA ASN B 83 6.75 -15.41 -25.17
C ASN B 83 5.95 -14.14 -25.42
N ALA B 84 5.82 -13.30 -24.38
CA ALA B 84 5.09 -12.04 -24.49
C ALA B 84 5.78 -11.04 -25.41
N GLU B 85 7.06 -11.26 -25.68
CA GLU B 85 7.83 -10.42 -26.58
C GLU B 85 7.25 -10.44 -27.99
N GLN B 86 6.55 -11.51 -28.34
CA GLN B 86 6.01 -11.68 -29.68
C GLN B 86 4.56 -12.16 -29.72
N GLN B 87 4.09 -12.78 -28.63
CA GLN B 87 2.72 -13.32 -28.59
C GLN B 87 1.69 -12.21 -28.41
N THR B 88 2.00 -11.28 -27.50
CA THR B 88 1.12 -10.15 -27.24
C THR B 88 0.97 -9.27 -28.47
N LEU B 89 2.09 -9.05 -29.17
CA LEU B 89 2.11 -8.23 -30.37
C LEU B 89 1.27 -8.86 -31.49
N GLN B 90 1.06 -10.17 -31.39
CA GLN B 90 0.26 -10.92 -32.35
C GLN B 90 -1.26 -10.84 -32.06
N ASP B 91 -1.67 -9.95 -31.15
CA ASP B 91 -3.10 -9.75 -30.86
C ASP B 91 -3.46 -8.28 -30.65
N PRO B 92 -3.42 -7.49 -31.74
CA PRO B 92 -3.59 -6.03 -31.71
C PRO B 92 -4.96 -5.57 -31.19
N MSE B 93 -6.01 -6.30 -31.54
CA MSE B 93 -7.35 -5.96 -31.06
C MSE B 93 -7.44 -5.90 -29.54
O MSE B 93 -8.08 -5.01 -28.98
CB MSE B 93 -8.39 -6.95 -31.61
CG MSE B 93 -8.68 -6.81 -33.11
SE MSE B 93 -9.14 -4.99 -33.67
CE MSE B 93 -10.64 -4.65 -32.48
N PHE B 94 -6.78 -6.83 -28.86
CA PHE B 94 -6.77 -6.82 -27.41
C PHE B 94 -5.89 -5.68 -26.89
N LEU B 95 -4.81 -5.39 -27.61
CA LEU B 95 -3.93 -4.28 -27.24
C LEU B 95 -4.71 -2.96 -27.24
N MSE B 96 -5.56 -2.77 -28.26
CA MSE B 96 -6.43 -1.60 -28.34
C MSE B 96 -7.33 -1.51 -27.12
O MSE B 96 -7.53 -0.43 -26.57
CB MSE B 96 -7.29 -1.64 -29.60
CG MSE B 96 -6.51 -1.60 -30.90
SE MSE B 96 -7.60 -0.98 -32.38
CE MSE B 96 -7.74 0.89 -31.87
N GLU B 97 -7.87 -2.65 -26.69
CA GLU B 97 -8.73 -2.70 -25.52
C GLU B 97 -7.94 -2.31 -24.27
N GLN B 98 -6.69 -2.79 -24.19
CA GLN B 98 -5.79 -2.43 -23.10
C GLN B 98 -5.61 -0.93 -23.00
N MSE B 99 -5.33 -0.30 -24.15
CA MSE B 99 -5.07 1.14 -24.20
C MSE B 99 -6.33 1.93 -23.85
O MSE B 99 -6.25 2.94 -23.16
CB MSE B 99 -4.55 1.55 -25.57
CG MSE B 99 -3.28 0.82 -26.01
SE MSE B 99 -2.41 1.65 -27.54
CE MSE B 99 -0.84 2.38 -26.61
N GLU B 100 -7.48 1.46 -24.32
CA GLU B 100 -8.75 2.12 -24.02
C GLU B 100 -9.11 2.00 -22.54
N LEU B 101 -8.73 0.88 -21.92
CA LEU B 101 -8.95 0.69 -20.48
C LEU B 101 -8.05 1.59 -19.65
N ARG B 102 -6.78 1.67 -20.01
CA ARG B 102 -5.85 2.60 -19.35
C ARG B 102 -6.30 4.05 -19.51
N GLU B 103 -6.71 4.41 -20.71
CA GLU B 103 -7.27 5.73 -20.98
C GLU B 103 -8.43 6.01 -20.04
N GLU B 104 -9.32 5.03 -19.94
CA GLU B 104 -10.48 5.13 -19.07
C GLU B 104 -10.05 5.32 -17.62
N LEU B 105 -8.99 4.63 -17.22
CA LEU B 105 -8.47 4.73 -15.85
C LEU B 105 -7.87 6.11 -15.56
N GLU B 106 -7.19 6.68 -16.54
CA GLU B 106 -6.61 8.02 -16.38
C GLU B 106 -7.65 9.13 -16.33
N SER B 107 -8.88 8.81 -16.74
CA SER B 107 -9.94 9.80 -16.85
C SER B 107 -10.78 9.95 -15.58
N VAL B 108 -10.64 9.01 -14.64
CA VAL B 108 -11.46 9.03 -13.42
C VAL B 108 -11.11 10.22 -12.51
N THR B 109 -9.86 10.65 -12.54
CA THR B 109 -9.41 11.78 -11.74
C THR B 109 -9.96 13.09 -12.30
N ALA B 110 -10.34 13.05 -13.58
CA ALA B 110 -10.83 14.23 -14.28
C ALA B 110 -12.30 14.55 -13.99
N CYS B 111 -13.11 13.50 -13.78
CA CYS B 111 -14.52 13.68 -13.47
C CYS B 111 -14.72 14.53 -12.21
N ALA B 112 -15.91 15.12 -12.08
CA ALA B 112 -16.24 15.88 -10.87
C ALA B 112 -16.65 14.95 -9.73
N ASP B 113 -16.52 13.65 -9.96
CA ASP B 113 -16.82 12.65 -8.95
C ASP B 113 -15.88 11.44 -9.10
N PRO B 114 -14.58 11.63 -8.82
CA PRO B 114 -13.56 10.62 -9.05
C PRO B 114 -13.68 9.36 -8.18
N GLU B 115 -14.23 9.52 -6.97
CA GLU B 115 -14.36 8.38 -6.05
C GLU B 115 -15.19 7.25 -6.65
N ALA B 116 -16.43 7.57 -7.01
CA ALA B 116 -17.38 6.58 -7.52
C ALA B 116 -17.01 6.04 -8.90
N ALA B 117 -16.24 6.81 -9.65
CA ALA B 117 -15.79 6.36 -10.97
C ALA B 117 -14.86 5.16 -10.85
N LEU B 118 -13.86 5.30 -9.97
CA LEU B 118 -12.91 4.22 -9.71
C LEU B 118 -13.61 2.95 -9.28
N VAL B 119 -14.58 3.09 -8.37
CA VAL B 119 -15.38 1.97 -7.88
C VAL B 119 -16.04 1.20 -9.03
N ALA B 120 -16.64 1.93 -9.95
CA ALA B 120 -17.26 1.32 -11.13
C ALA B 120 -16.20 0.68 -12.02
N PHE B 121 -15.09 1.38 -12.22
CA PHE B 121 -13.98 0.85 -13.02
C PHE B 121 -13.38 -0.39 -12.35
N ASP B 122 -13.29 -0.37 -11.02
CA ASP B 122 -12.74 -1.49 -10.26
C ASP B 122 -13.64 -2.71 -10.37
N THR B 123 -14.95 -2.49 -10.30
CA THR B 123 -15.94 -3.55 -10.48
C THR B 123 -15.83 -4.14 -11.88
N LYS B 124 -15.63 -3.27 -12.86
CA LYS B 124 -15.47 -3.67 -14.25
C LYS B 124 -14.26 -4.60 -14.44
N VAL B 125 -13.10 -4.16 -13.94
CA VAL B 125 -11.86 -4.95 -14.04
C VAL B 125 -11.98 -6.31 -13.35
N THR B 126 -12.56 -6.31 -12.15
CA THR B 126 -12.79 -7.53 -11.39
C THR B 126 -13.67 -8.52 -12.17
N ALA B 127 -14.72 -7.99 -12.80
CA ALA B 127 -15.60 -8.79 -13.64
C ALA B 127 -14.83 -9.41 -14.81
N MSE B 128 -13.99 -8.61 -15.45
CA MSE B 128 -13.16 -9.10 -16.56
C MSE B 128 -12.25 -10.23 -16.12
O MSE B 128 -12.12 -11.23 -16.82
CB MSE B 128 -12.32 -7.97 -17.15
CG MSE B 128 -13.10 -6.99 -18.00
SE MSE B 128 -11.96 -5.51 -18.53
CE MSE B 128 -10.65 -6.52 -19.56
N GLN B 129 -11.62 -10.07 -14.96
CA GLN B 129 -10.69 -11.08 -14.45
C GLN B 129 -11.39 -12.41 -14.20
N ARG B 130 -12.52 -12.36 -13.51
CA ARG B 130 -13.30 -13.56 -13.20
C ARG B 130 -13.78 -14.27 -14.46
N HIS B 131 -14.01 -13.50 -15.53
CA HIS B 131 -14.44 -14.07 -16.81
C HIS B 131 -13.32 -14.86 -17.49
N TYR B 132 -12.12 -14.25 -17.55
CA TYR B 132 -10.98 -14.88 -18.21
C TYR B 132 -10.47 -16.11 -17.45
N LEU B 133 -10.51 -16.04 -16.12
CA LEU B 133 -10.19 -17.20 -15.30
C LEU B 133 -11.13 -18.37 -15.56
N ALA B 134 -12.42 -18.06 -15.69
CA ALA B 134 -13.43 -19.07 -15.99
C ALA B 134 -13.15 -19.71 -17.34
N GLN B 135 -12.82 -18.89 -18.33
CA GLN B 135 -12.48 -19.35 -19.66
C GLN B 135 -11.20 -20.20 -19.65
N LEU B 136 -10.19 -19.73 -18.92
CA LEU B 136 -8.92 -20.44 -18.78
C LEU B 136 -9.12 -21.83 -18.16
N GLN B 137 -9.82 -21.87 -17.04
CA GLN B 137 -10.17 -23.11 -16.37
C GLN B 137 -10.96 -24.02 -17.33
N GLY B 138 -11.78 -23.41 -18.17
CA GLY B 138 -12.53 -24.15 -19.16
C GLY B 138 -11.65 -24.72 -20.25
N GLN B 139 -10.75 -23.89 -20.78
CA GLN B 139 -9.87 -24.30 -21.86
C GLN B 139 -8.90 -25.40 -21.43
N LEU B 140 -8.31 -25.24 -20.24
CA LEU B 140 -7.35 -26.18 -19.70
C LEU B 140 -7.92 -27.58 -19.48
N ALA B 141 -9.23 -27.65 -19.24
CA ALA B 141 -9.90 -28.92 -19.00
C ALA B 141 -10.10 -29.68 -20.31
N GLN B 142 -10.15 -28.95 -21.42
CA GLN B 142 -10.39 -29.54 -22.72
C GLN B 142 -9.09 -29.62 -23.53
N SER B 143 -7.97 -29.44 -22.83
CA SER B 143 -6.63 -29.50 -23.44
C SER B 143 -6.41 -28.50 -24.58
N GLU B 144 -7.25 -27.47 -24.63
CA GLU B 144 -7.08 -26.36 -25.57
C GLU B 144 -6.00 -25.42 -25.06
N TRP B 145 -4.75 -25.84 -25.19
CA TRP B 145 -3.63 -25.14 -24.55
C TRP B 145 -3.42 -23.71 -25.03
N LEU B 146 -3.62 -23.47 -26.33
CA LEU B 146 -3.33 -22.15 -26.88
C LEU B 146 -4.44 -21.14 -26.61
N ALA B 147 -5.68 -21.61 -26.56
CA ALA B 147 -6.79 -20.79 -26.09
C ALA B 147 -6.55 -20.42 -24.63
N ALA B 148 -5.90 -21.32 -23.89
CA ALA B 148 -5.52 -21.08 -22.52
C ALA B 148 -4.30 -20.15 -22.42
N ALA B 149 -3.32 -20.39 -23.30
CA ALA B 149 -2.12 -19.55 -23.35
C ALA B 149 -2.45 -18.11 -23.71
N ASP B 150 -3.62 -17.90 -24.31
CA ASP B 150 -4.10 -16.58 -24.67
C ASP B 150 -4.87 -15.94 -23.50
N GLN B 151 -5.57 -16.76 -22.72
CA GLN B 151 -6.24 -16.28 -21.52
C GLN B 151 -5.22 -15.86 -20.46
N ILE B 152 -4.09 -16.55 -20.42
CA ILE B 152 -3.00 -16.23 -19.50
C ILE B 152 -2.42 -14.84 -19.81
N ARG B 153 -2.31 -14.51 -21.10
CA ARG B 153 -1.85 -13.19 -21.52
C ARG B 153 -2.75 -12.08 -21.01
N LYS B 154 -4.05 -12.24 -21.25
CA LYS B 154 -5.04 -11.22 -20.88
C LYS B 154 -5.08 -11.06 -19.37
N LEU B 155 -5.02 -12.19 -18.67
CA LEU B 155 -4.99 -12.19 -17.21
C LEU B 155 -3.74 -11.51 -16.67
N LYS B 156 -2.62 -11.70 -17.36
CA LYS B 156 -1.38 -11.03 -16.99
C LYS B 156 -1.50 -9.52 -17.20
N PHE B 157 -2.16 -9.11 -18.28
CA PHE B 157 -2.49 -7.71 -18.45
C PHE B 157 -3.44 -7.23 -17.35
N ILE B 158 -4.45 -8.05 -17.03
CA ILE B 158 -5.42 -7.70 -15.99
C ILE B 158 -4.73 -7.47 -14.64
N ALA B 159 -3.74 -8.30 -14.35
CA ALA B 159 -2.96 -8.18 -13.13
C ALA B 159 -2.25 -6.82 -13.08
N LYS B 160 -1.67 -6.42 -14.19
CA LYS B 160 -1.01 -5.11 -14.27
C LYS B 160 -1.99 -3.94 -14.15
N LEU B 161 -3.15 -4.06 -14.79
CA LEU B 161 -4.16 -2.99 -14.73
C LEU B 161 -4.68 -2.81 -13.30
N LYS B 162 -4.81 -3.92 -12.56
CA LYS B 162 -5.23 -3.86 -11.17
C LYS B 162 -4.23 -3.10 -10.31
N ASN B 163 -2.94 -3.34 -10.56
CA ASN B 163 -1.90 -2.60 -9.88
C ASN B 163 -2.00 -1.11 -10.21
N GLU B 164 -2.29 -0.80 -11.46
CA GLU B 164 -2.53 0.58 -11.87
C GLU B 164 -3.75 1.18 -11.17
N VAL B 165 -4.77 0.36 -10.97
CA VAL B 165 -6.00 0.80 -10.29
C VAL B 165 -5.75 1.14 -8.82
N GLU B 166 -4.91 0.35 -8.18
CA GLU B 166 -4.63 0.59 -6.76
C GLU B 166 -3.75 1.81 -6.57
N ARG B 167 -2.92 2.09 -7.58
CA ARG B 167 -2.10 3.29 -7.58
C ARG B 167 -3.00 4.53 -7.55
N VAL B 168 -4.04 4.51 -8.38
CA VAL B 168 -5.01 5.61 -8.40
C VAL B 168 -5.85 5.62 -7.12
N GLU B 169 -6.12 4.44 -6.56
CA GLU B 169 -6.86 4.36 -5.31
C GLU B 169 -6.06 4.97 -4.17
N ASP B 170 -4.77 4.64 -4.12
CA ASP B 170 -3.87 5.20 -3.12
C ASP B 170 -3.73 6.71 -3.31
N GLN B 171 -4.02 7.18 -4.52
CA GLN B 171 -4.01 8.60 -4.81
C GLN B 171 -5.27 9.24 -4.25
N LEU B 172 -6.29 8.42 -3.98
CA LEU B 172 -7.52 8.90 -3.36
C LEU B 172 -7.59 8.57 -1.87
N LEU B 173 -6.88 7.53 -1.44
CA LEU B 173 -6.92 7.09 -0.05
C LEU B 173 -5.57 7.19 0.64
N MSE C 4 -12.38 4.02 36.33
CA MSE C 4 -10.93 3.89 36.21
C MSE C 4 -10.38 4.57 34.96
O MSE C 4 -11.00 4.49 33.89
CB MSE C 4 -10.51 2.41 36.20
CG MSE C 4 -10.62 1.70 37.52
SE MSE C 4 -9.52 0.09 37.60
CE MSE C 4 -10.37 -0.96 36.21
N ASN C 5 -9.23 5.23 35.08
CA ASN C 5 -8.56 5.77 33.92
C ASN C 5 -7.87 4.67 33.12
N TYR C 6 -7.34 5.03 31.95
CA TYR C 6 -6.80 4.03 31.02
C TYR C 6 -5.59 3.29 31.57
N PHE C 7 -4.73 3.99 32.30
CA PHE C 7 -3.53 3.39 32.88
C PHE C 7 -3.85 2.31 33.92
N GLU C 8 -4.76 2.62 34.85
CA GLU C 8 -5.15 1.68 35.90
C GLU C 8 -5.70 0.39 35.28
N LEU C 9 -6.58 0.55 34.28
CA LEU C 9 -7.18 -0.55 33.54
C LEU C 9 -6.18 -1.65 33.21
N PHE C 10 -4.96 -1.27 32.87
CA PHE C 10 -3.94 -2.23 32.47
C PHE C 10 -2.96 -2.48 33.60
N GLY C 11 -3.18 -1.85 34.74
CA GLY C 11 -2.25 -1.91 35.85
C GLY C 11 -0.89 -1.36 35.47
N LEU C 12 -0.90 -0.13 34.92
CA LEU C 12 0.33 0.53 34.48
C LEU C 12 0.50 1.84 35.24
N PRO C 13 1.74 2.35 35.33
CA PRO C 13 1.91 3.62 36.03
C PRO C 13 1.51 4.80 35.15
N ILE C 14 0.91 5.82 35.76
CA ILE C 14 0.52 7.03 35.04
C ILE C 14 1.79 7.83 34.70
N GLN C 15 2.25 7.67 33.46
CA GLN C 15 3.48 8.29 32.98
C GLN C 15 3.55 8.09 31.47
N PHE C 16 4.45 8.81 30.81
CA PHE C 16 4.57 8.70 29.36
C PHE C 16 5.34 7.45 28.96
N GLU C 17 6.38 7.13 29.73
CA GLU C 17 7.21 5.96 29.45
C GLU C 17 6.37 4.70 29.60
N LEU C 18 6.33 3.89 28.55
CA LEU C 18 5.47 2.71 28.54
C LEU C 18 6.11 1.52 27.83
N ASP C 19 6.05 0.35 28.47
CA ASP C 19 6.49 -0.88 27.84
C ASP C 19 5.41 -1.32 26.85
N GLY C 20 5.67 -1.16 25.56
CA GLY C 20 4.71 -1.47 24.52
C GLY C 20 4.29 -2.93 24.49
N SER C 21 5.23 -3.84 24.74
CA SER C 21 4.94 -5.26 24.73
C SER C 21 4.11 -5.67 25.94
N LEU C 22 4.33 -5.00 27.07
CA LEU C 22 3.55 -5.25 28.28
C LEU C 22 2.10 -4.82 28.06
N LEU C 23 1.93 -3.63 27.48
CA LEU C 23 0.59 -3.13 27.16
C LEU C 23 -0.13 -4.08 26.21
N SER C 24 0.59 -4.57 25.20
CA SER C 24 0.03 -5.48 24.23
C SER C 24 -0.37 -6.83 24.84
N SER C 25 0.34 -7.26 25.86
CA SER C 25 0.00 -8.51 26.54
C SER C 25 -1.20 -8.31 27.47
N GLN C 26 -1.15 -7.24 28.26
CA GLN C 26 -2.25 -6.91 29.17
C GLN C 26 -3.55 -6.67 28.40
N PHE C 27 -3.45 -6.09 27.21
CA PHE C 27 -4.63 -5.84 26.39
C PHE C 27 -5.26 -7.12 25.85
N ARG C 28 -4.43 -8.05 25.40
CA ARG C 28 -4.93 -9.30 24.84
C ARG C 28 -5.63 -10.12 25.92
N ALA C 29 -5.12 -10.05 27.15
CA ALA C 29 -5.76 -10.71 28.29
C ALA C 29 -7.15 -10.13 28.52
N LEU C 30 -7.23 -8.80 28.58
CA LEU C 30 -8.51 -8.11 28.74
C LEU C 30 -9.47 -8.39 27.60
N GLN C 31 -8.98 -8.25 26.37
CA GLN C 31 -9.82 -8.41 25.18
C GLN C 31 -10.39 -9.83 25.10
N LYS C 32 -9.56 -10.81 25.42
CA LYS C 32 -9.98 -12.20 25.45
C LYS C 32 -11.02 -12.43 26.54
N ARG C 33 -10.84 -11.76 27.66
CA ARG C 33 -11.72 -11.93 28.82
C ARG C 33 -13.07 -11.24 28.63
N PHE C 34 -13.05 -10.08 28.00
CA PHE C 34 -14.26 -9.28 27.85
C PHE C 34 -14.87 -9.37 26.45
N HIS C 35 -14.37 -10.31 25.65
CA HIS C 35 -14.92 -10.57 24.33
C HIS C 35 -16.39 -10.98 24.46
N PRO C 36 -17.27 -10.37 23.66
CA PRO C 36 -18.72 -10.56 23.69
C PRO C 36 -19.15 -12.03 23.66
N ASP C 37 -18.34 -12.88 23.03
CA ASP C 37 -18.65 -14.30 22.97
C ASP C 37 -18.67 -14.96 24.35
N ASN C 38 -18.01 -14.33 25.33
CA ASN C 38 -18.00 -14.84 26.70
C ASN C 38 -19.29 -14.55 27.46
N PHE C 39 -20.16 -13.76 26.84
CA PHE C 39 -21.40 -13.33 27.49
C PHE C 39 -22.60 -13.62 26.61
N ALA C 40 -22.40 -14.45 25.59
CA ALA C 40 -23.41 -14.73 24.57
C ALA C 40 -24.76 -15.17 25.13
N THR C 41 -24.74 -15.88 26.26
CA THR C 41 -25.98 -16.34 26.87
C THR C 41 -26.33 -15.64 28.17
N ALA C 42 -25.63 -14.55 28.48
CA ALA C 42 -25.93 -13.78 29.68
C ALA C 42 -27.22 -12.98 29.49
N SER C 43 -27.71 -12.37 30.57
CA SER C 43 -28.88 -11.51 30.49
C SER C 43 -28.60 -10.32 29.57
N GLU C 44 -29.67 -9.72 29.05
CA GLU C 44 -29.56 -8.55 28.18
C GLU C 44 -28.68 -7.46 28.79
N ARG C 45 -28.95 -7.12 30.04
CA ARG C 45 -28.23 -6.05 30.73
C ARG C 45 -26.75 -6.38 30.86
N ASP C 46 -26.44 -7.63 31.14
CA ASP C 46 -25.06 -8.06 31.30
C ASP C 46 -24.27 -8.02 29.99
N ARG C 47 -24.91 -8.44 28.90
CA ARG C 47 -24.25 -8.40 27.59
C ARG C 47 -23.92 -6.97 27.17
N LEU C 48 -24.84 -6.06 27.43
CA LEU C 48 -24.68 -4.66 27.02
C LEU C 48 -23.59 -3.96 27.84
N MSE C 49 -23.49 -4.30 29.12
CA MSE C 49 -22.44 -3.75 29.97
C MSE C 49 -21.09 -4.33 29.60
O MSE C 49 -20.07 -3.65 29.68
CB MSE C 49 -22.76 -4.00 31.45
CG MSE C 49 -23.84 -3.08 32.01
SE MSE C 49 -24.24 -3.44 33.88
CE MSE C 49 -22.43 -3.75 34.51
N ALA C 50 -21.08 -5.59 29.17
CA ALA C 50 -19.83 -6.24 28.79
C ALA C 50 -19.27 -5.70 27.47
N VAL C 51 -20.15 -5.39 26.51
CA VAL C 51 -19.68 -4.80 25.25
C VAL C 51 -19.15 -3.39 25.51
N GLN C 52 -19.78 -2.69 26.46
CA GLN C 52 -19.29 -1.40 26.90
C GLN C 52 -17.89 -1.51 27.49
N GLN C 53 -17.72 -2.46 28.41
CA GLN C 53 -16.43 -2.67 29.04
C GLN C 53 -15.39 -3.06 28.00
N ALA C 54 -15.78 -3.90 27.05
CA ALA C 54 -14.89 -4.28 25.96
C ALA C 54 -14.52 -3.06 25.12
N ALA C 55 -15.48 -2.16 24.93
CA ALA C 55 -15.24 -0.96 24.15
C ALA C 55 -14.28 -0.02 24.86
N GLN C 56 -14.47 0.15 26.17
CA GLN C 56 -13.60 1.01 26.97
C GLN C 56 -12.15 0.49 26.95
N ILE C 57 -12.02 -0.84 26.92
CA ILE C 57 -10.70 -1.49 26.86
C ILE C 57 -9.98 -1.22 25.53
N ASN C 58 -10.71 -1.29 24.41
CA ASN C 58 -10.15 -0.96 23.11
C ASN C 58 -9.73 0.52 23.01
N ASP C 59 -10.61 1.40 23.49
CA ASP C 59 -10.32 2.83 23.59
C ASP C 59 -9.05 3.09 24.39
N ALA C 60 -8.98 2.52 25.59
CA ALA C 60 -7.82 2.66 26.46
C ALA C 60 -6.55 2.23 25.75
N TYR C 61 -6.60 1.06 25.14
CA TYR C 61 -5.47 0.50 24.43
C TYR C 61 -5.06 1.38 23.25
N GLN C 62 -6.03 1.89 22.51
CA GLN C 62 -5.74 2.75 21.36
C GLN C 62 -5.09 4.06 21.79
N THR C 63 -5.46 4.53 22.97
CA THR C 63 -4.99 5.81 23.49
C THR C 63 -3.57 5.72 24.04
N LEU C 64 -3.29 4.63 24.77
CA LEU C 64 -1.98 4.42 25.37
C LEU C 64 -0.94 3.89 24.38
N LYS C 65 -1.41 3.23 23.32
CA LYS C 65 -0.50 2.64 22.34
C LYS C 65 0.24 3.72 21.54
N ASP C 66 -0.47 4.80 21.22
CA ASP C 66 0.10 5.89 20.44
C ASP C 66 0.61 7.02 21.33
N PRO C 67 1.91 7.33 21.23
CA PRO C 67 2.55 8.38 22.02
C PRO C 67 1.80 9.71 22.04
N LEU C 68 1.33 10.16 20.88
CA LEU C 68 0.60 11.43 20.79
C LEU C 68 -0.70 11.42 21.58
N ARG C 69 -1.52 10.41 21.34
CA ARG C 69 -2.75 10.25 22.11
C ARG C 69 -2.43 10.06 23.59
N ARG C 70 -1.41 9.26 23.88
CA ARG C 70 -1.00 9.03 25.28
C ARG C 70 -0.58 10.33 25.95
N ALA C 71 0.23 11.12 25.26
CA ALA C 71 0.66 12.40 25.80
C ALA C 71 -0.54 13.32 25.98
N GLU C 72 -1.43 13.32 24.98
CA GLU C 72 -2.63 14.12 25.04
C GLU C 72 -3.52 13.67 26.21
N TYR C 73 -3.61 12.36 26.41
CA TYR C 73 -4.37 11.81 27.52
C TYR C 73 -3.78 12.26 28.85
N LEU C 74 -2.46 12.16 28.98
CA LEU C 74 -1.76 12.63 30.19
C LEU C 74 -2.10 14.09 30.51
N LEU C 75 -2.18 14.91 29.48
CA LEU C 75 -2.57 16.32 29.64
C LEU C 75 -4.02 16.46 30.08
N SER C 76 -4.89 15.56 29.59
CA SER C 76 -6.30 15.60 29.96
C SER C 76 -6.49 15.33 31.45
N LEU C 77 -5.68 14.43 31.99
CA LEU C 77 -5.72 14.10 33.40
C LEU C 77 -5.35 15.29 34.29
N GLN C 78 -4.61 16.23 33.73
CA GLN C 78 -4.24 17.44 34.45
C GLN C 78 -5.31 18.51 34.28
N GLY C 79 -6.32 18.21 33.47
CA GLY C 79 -7.39 19.15 33.23
C GLY C 79 -7.07 20.13 32.12
N ILE C 80 -6.17 19.73 31.23
CA ILE C 80 -5.74 20.60 30.12
C ILE C 80 -6.27 20.12 28.78
N GLU C 81 -7.07 20.95 28.13
CA GLU C 81 -7.63 20.63 26.82
C GLU C 81 -7.06 21.55 25.75
N MSE C 82 -6.65 20.97 24.63
CA MSE C 82 -5.97 21.71 23.56
C MSE C 82 -6.75 21.72 22.25
O MSE C 82 -7.46 20.77 21.93
CB MSE C 82 -4.56 21.13 23.33
CG MSE C 82 -4.39 19.71 23.90
SE MSE C 82 -2.70 18.85 23.39
CE MSE C 82 -3.18 18.30 21.59
N ASN C 83 -6.62 22.81 21.50
CA ASN C 83 -7.30 22.95 20.21
C ASN C 83 -6.59 22.18 19.09
N ASP C 91 2.47 28.91 14.89
CA ASP C 91 3.94 28.96 14.89
C ASP C 91 4.46 29.11 13.46
N PRO C 92 4.46 30.34 12.94
CA PRO C 92 4.61 30.63 11.50
C PRO C 92 5.83 30.01 10.84
N MSE C 93 6.99 30.09 11.48
CA MSE C 93 8.20 29.53 10.89
C MSE C 93 8.17 27.99 10.83
O MSE C 93 8.64 27.40 9.86
CB MSE C 93 9.44 30.02 11.64
CG MSE C 93 10.68 30.08 10.80
SE MSE C 93 12.12 30.96 11.76
CE MSE C 93 12.28 29.74 13.27
N PHE C 94 7.62 27.37 11.87
CA PHE C 94 7.42 25.92 11.82
C PHE C 94 6.50 25.58 10.65
N LEU C 95 5.42 26.35 10.52
CA LEU C 95 4.48 26.18 9.40
C LEU C 95 5.17 26.25 8.04
N MSE C 96 6.01 27.26 7.86
CA MSE C 96 6.70 27.45 6.59
C MSE C 96 7.64 26.28 6.30
O MSE C 96 7.76 25.83 5.15
CB MSE C 96 7.48 28.76 6.63
CG MSE C 96 7.64 29.42 5.27
SE MSE C 96 8.42 31.18 5.51
CE MSE C 96 7.21 31.85 6.87
N GLU C 97 8.33 25.80 7.33
CA GLU C 97 9.20 24.64 7.19
C GLU C 97 8.43 23.40 6.77
N GLN C 98 7.27 23.18 7.39
CA GLN C 98 6.46 22.02 7.03
C GLN C 98 5.96 22.11 5.59
N MSE C 99 5.61 23.32 5.15
CA MSE C 99 5.23 23.54 3.76
C MSE C 99 6.41 23.21 2.84
O MSE C 99 6.24 22.59 1.80
CB MSE C 99 4.75 24.98 3.53
CG MSE C 99 3.39 25.28 4.16
SE MSE C 99 2.85 27.16 3.96
CE MSE C 99 1.13 27.05 4.86
N GLU C 100 7.60 23.66 3.24
CA GLU C 100 8.82 23.41 2.48
C GLU C 100 9.12 21.92 2.40
N LEU C 101 8.99 21.22 3.52
CA LEU C 101 9.21 19.77 3.56
C LEU C 101 8.20 19.04 2.69
N ARG C 102 6.94 19.45 2.78
CA ARG C 102 5.88 18.88 1.95
C ARG C 102 6.24 19.03 0.47
N GLU C 103 6.79 20.19 0.13
CA GLU C 103 7.24 20.50 -1.22
C GLU C 103 8.39 19.60 -1.65
N GLU C 104 9.38 19.47 -0.77
CA GLU C 104 10.51 18.59 -1.04
C GLU C 104 10.02 17.17 -1.29
N LEU C 105 9.03 16.73 -0.52
CA LEU C 105 8.51 15.37 -0.66
C LEU C 105 7.86 15.14 -2.02
N GLU C 106 7.06 16.10 -2.47
CA GLU C 106 6.37 15.99 -3.76
C GLU C 106 7.34 15.94 -4.94
N SER C 107 8.62 16.25 -4.68
CA SER C 107 9.62 16.34 -5.73
C SER C 107 10.56 15.13 -5.82
N VAL C 108 10.54 14.25 -4.84
CA VAL C 108 11.42 13.07 -4.86
C VAL C 108 11.12 12.17 -6.05
N THR C 109 9.87 12.13 -6.47
CA THR C 109 9.41 11.30 -7.59
C THR C 109 9.79 11.90 -8.96
N ALA C 110 10.78 12.77 -8.94
CA ALA C 110 11.32 13.38 -10.15
C ALA C 110 12.83 13.50 -10.03
N CYS C 111 13.32 13.20 -8.84
CA CYS C 111 14.76 13.13 -8.59
C CYS C 111 15.41 12.05 -9.46
N ALA C 112 16.72 12.13 -9.61
CA ALA C 112 17.47 11.13 -10.38
C ALA C 112 17.27 9.74 -9.79
N ASP C 113 17.53 9.61 -8.50
CA ASP C 113 17.35 8.35 -7.79
C ASP C 113 16.24 8.53 -6.75
N PRO C 114 14.98 8.35 -7.20
CA PRO C 114 13.80 8.65 -6.40
C PRO C 114 13.74 7.86 -5.10
N GLU C 115 14.07 6.56 -5.16
CA GLU C 115 14.09 5.73 -3.97
C GLU C 115 15.23 6.08 -3.01
N ALA C 116 16.27 6.73 -3.53
CA ALA C 116 17.36 7.20 -2.70
C ALA C 116 17.01 8.52 -2.03
N ALA C 117 16.33 9.39 -2.78
CA ALA C 117 15.88 10.66 -2.24
C ALA C 117 14.79 10.43 -1.20
N LEU C 118 13.94 9.44 -1.44
CA LEU C 118 12.88 9.09 -0.49
C LEU C 118 13.45 8.59 0.83
N VAL C 119 14.39 7.65 0.74
CA VAL C 119 15.10 7.15 1.93
C VAL C 119 15.79 8.29 2.68
N ALA C 120 16.43 9.19 1.93
CA ALA C 120 17.06 10.36 2.52
C ALA C 120 16.03 11.22 3.26
N PHE C 121 14.91 11.51 2.61
CA PHE C 121 13.85 12.32 3.19
C PHE C 121 13.24 11.64 4.41
N ASP C 122 12.95 10.34 4.26
CA ASP C 122 12.37 9.54 5.33
C ASP C 122 13.26 9.55 6.57
N THR C 123 14.57 9.47 6.34
CA THR C 123 15.55 9.48 7.43
C THR C 123 15.47 10.77 8.24
N LYS C 124 15.43 11.92 7.57
CA LYS C 124 15.39 13.19 8.30
C LYS C 124 14.04 13.46 8.97
N VAL C 125 12.95 12.99 8.36
CA VAL C 125 11.64 13.13 9.00
C VAL C 125 11.57 12.28 10.26
N THR C 126 12.08 11.05 10.19
CA THR C 126 12.14 10.15 11.33
C THR C 126 13.02 10.72 12.44
N ALA C 127 14.12 11.36 12.05
CA ALA C 127 15.00 12.01 13.01
C ALA C 127 14.30 13.15 13.73
N MSE C 128 13.56 13.97 12.97
CA MSE C 128 12.74 15.05 13.55
C MSE C 128 11.73 14.51 14.56
O MSE C 128 11.59 15.05 15.66
CB MSE C 128 11.95 15.77 12.46
CG MSE C 128 12.72 16.72 11.56
SE MSE C 128 11.45 17.53 10.31
CE MSE C 128 10.57 18.76 11.51
N GLN C 129 11.00 13.48 14.14
CA GLN C 129 9.99 12.86 14.99
C GLN C 129 10.64 12.36 16.29
N ARG C 130 11.80 11.72 16.16
CA ARG C 130 12.55 11.21 17.31
C ARG C 130 12.94 12.35 18.26
N HIS C 131 13.37 13.48 17.71
CA HIS C 131 13.80 14.60 18.53
C HIS C 131 12.64 15.27 19.26
N TYR C 132 11.50 15.41 18.58
CA TYR C 132 10.30 15.96 19.18
C TYR C 132 9.75 15.04 20.26
N LEU C 133 9.75 13.73 19.99
CA LEU C 133 9.29 12.73 20.96
C LEU C 133 10.12 12.77 22.24
N ALA C 134 11.44 12.85 22.08
CA ALA C 134 12.36 12.94 23.21
C ALA C 134 12.10 14.21 24.03
N GLN C 135 11.90 15.32 23.34
CA GLN C 135 11.60 16.59 24.00
C GLN C 135 10.26 16.51 24.71
N LEU C 136 9.29 15.88 24.06
CA LEU C 136 7.97 15.69 24.66
C LEU C 136 8.07 14.90 25.96
N GLN C 137 8.83 13.82 25.92
CA GLN C 137 9.01 12.96 27.09
C GLN C 137 9.64 13.71 28.27
N GLY C 138 10.70 14.47 27.99
CA GLY C 138 11.36 15.24 29.03
C GLY C 138 10.44 16.26 29.65
N GLN C 139 9.64 16.93 28.81
CA GLN C 139 8.72 17.96 29.29
C GLN C 139 7.59 17.40 30.16
N LEU C 140 7.02 16.27 29.73
CA LEU C 140 5.99 15.61 30.54
C LEU C 140 6.56 15.17 31.89
N ALA C 141 7.82 14.76 31.89
CA ALA C 141 8.49 14.31 33.11
C ALA C 141 8.60 15.41 34.16
N GLN C 142 8.80 16.65 33.72
CA GLN C 142 8.91 17.78 34.64
C GLN C 142 7.69 18.67 34.63
N SER C 143 6.53 18.08 34.32
CA SER C 143 5.24 18.77 34.39
C SER C 143 5.19 20.11 33.65
N GLU C 144 5.90 20.20 32.54
CA GLU C 144 5.87 21.38 31.68
C GLU C 144 4.83 21.19 30.60
N TRP C 145 3.56 21.24 31.01
CA TRP C 145 2.45 20.79 30.19
C TRP C 145 2.28 21.54 28.87
N LEU C 146 2.48 22.85 28.90
CA LEU C 146 2.27 23.65 27.69
C LEU C 146 3.37 23.45 26.66
N ALA C 147 4.60 23.32 27.14
CA ALA C 147 5.70 22.92 26.26
C ALA C 147 5.35 21.58 25.63
N ALA C 148 4.83 20.67 26.45
CA ALA C 148 4.40 19.36 25.98
C ALA C 148 3.29 19.48 24.94
N ALA C 149 2.29 20.29 25.24
CA ALA C 149 1.19 20.54 24.31
C ALA C 149 1.74 21.02 22.97
N ASP C 150 2.73 21.91 23.01
CA ASP C 150 3.35 22.41 21.79
C ASP C 150 4.06 21.30 21.01
N GLN C 151 4.76 20.41 21.72
CA GLN C 151 5.40 19.26 21.08
C GLN C 151 4.36 18.35 20.41
N ILE C 152 3.22 18.17 21.07
CA ILE C 152 2.15 17.32 20.53
C ILE C 152 1.60 17.83 19.19
N ARG C 153 1.36 19.14 19.09
CA ARG C 153 0.89 19.75 17.84
C ARG C 153 1.87 19.52 16.70
N LYS C 154 3.15 19.73 16.98
CA LYS C 154 4.17 19.60 15.95
C LYS C 154 4.31 18.18 15.49
N LEU C 155 4.23 17.24 16.43
CA LEU C 155 4.31 15.83 16.10
C LEU C 155 3.12 15.37 15.28
N LYS C 156 1.97 16.03 15.44
CA LYS C 156 0.80 15.72 14.62
C LYS C 156 1.06 16.10 13.17
N PHE C 157 1.80 17.19 12.98
CA PHE C 157 2.25 17.59 11.64
C PHE C 157 3.20 16.55 11.06
N ILE C 158 4.22 16.19 11.84
CA ILE C 158 5.22 15.21 11.41
C ILE C 158 4.57 13.86 11.06
N ALA C 159 3.59 13.46 11.86
CA ALA C 159 2.87 12.21 11.64
C ALA C 159 2.19 12.20 10.27
N LYS C 160 1.48 13.29 9.96
CA LYS C 160 0.87 13.45 8.64
C LYS C 160 1.94 13.43 7.56
N LEU C 161 3.06 14.09 7.81
CA LEU C 161 4.16 14.11 6.86
C LEU C 161 4.67 12.68 6.63
N LYS C 162 4.93 11.96 7.72
CA LYS C 162 5.36 10.56 7.64
C LYS C 162 4.36 9.71 6.86
N ASN C 163 3.07 9.96 7.08
CA ASN C 163 2.02 9.28 6.34
C ASN C 163 2.11 9.55 4.84
N GLU C 164 2.49 10.78 4.47
CA GLU C 164 2.66 11.12 3.06
C GLU C 164 3.87 10.48 2.40
N VAL C 165 4.97 10.28 3.13
CA VAL C 165 6.13 9.61 2.55
C VAL C 165 5.86 8.11 2.31
N GLU C 166 5.04 7.52 3.18
CA GLU C 166 4.67 6.12 3.01
C GLU C 166 3.76 5.97 1.79
N ARG C 167 2.95 7.00 1.54
CA ARG C 167 2.16 7.07 0.31
C ARG C 167 3.07 7.07 -0.90
N VAL C 168 4.10 7.91 -0.86
CA VAL C 168 5.07 8.00 -1.95
C VAL C 168 5.82 6.68 -2.12
N GLU C 169 6.18 6.05 -1.01
CA GLU C 169 6.86 4.75 -1.05
C GLU C 169 5.99 3.71 -1.77
N ASP C 170 4.68 3.80 -1.58
CA ASP C 170 3.75 2.90 -2.24
C ASP C 170 3.54 3.29 -3.71
N GLN C 171 3.50 4.60 -3.98
CA GLN C 171 3.37 5.11 -5.34
C GLN C 171 4.59 4.76 -6.19
N LEU C 172 5.70 5.40 -5.85
CA LEU C 172 6.99 5.24 -6.55
C LEU C 172 7.25 3.80 -6.92
N LEU C 173 7.77 3.04 -5.97
CA LEU C 173 7.82 1.58 -6.06
C LEU C 173 8.41 1.02 -7.37
N ASN D 5 15.75 -3.66 -31.75
CA ASN D 5 16.59 -3.43 -30.59
C ASN D 5 16.10 -2.24 -29.75
N TYR D 6 15.69 -2.53 -28.52
CA TYR D 6 15.14 -1.53 -27.61
C TYR D 6 16.03 -0.31 -27.46
N PHE D 7 17.34 -0.53 -27.41
CA PHE D 7 18.29 0.58 -27.27
C PHE D 7 18.28 1.46 -28.52
N GLU D 8 18.26 0.83 -29.69
CA GLU D 8 18.12 1.54 -30.96
C GLU D 8 16.90 2.44 -30.94
N LEU D 9 15.76 1.85 -30.58
CA LEU D 9 14.45 2.50 -30.62
C LEU D 9 14.43 3.87 -29.92
N PHE D 10 15.20 4.00 -28.84
CA PHE D 10 15.26 5.26 -28.12
C PHE D 10 16.52 6.03 -28.46
N GLY D 11 17.26 5.56 -29.46
CA GLY D 11 18.48 6.21 -29.89
C GLY D 11 19.55 6.20 -28.82
N LEU D 12 19.33 5.39 -27.80
CA LEU D 12 20.24 5.24 -26.68
C LEU D 12 21.34 4.25 -26.99
N PRO D 13 22.50 4.38 -26.33
CA PRO D 13 23.57 3.39 -26.50
C PRO D 13 23.33 2.11 -25.69
N ILE D 14 23.89 1.01 -26.14
CA ILE D 14 23.68 -0.29 -25.50
C ILE D 14 24.55 -0.47 -24.25
N GLN D 15 24.06 -0.01 -23.10
CA GLN D 15 24.77 -0.14 -21.84
C GLN D 15 23.79 -0.39 -20.71
N PHE D 16 24.31 -0.62 -19.51
CA PHE D 16 23.49 -0.66 -18.31
C PHE D 16 23.31 0.77 -17.80
N GLU D 17 24.32 1.60 -18.05
CA GLU D 17 24.27 3.01 -17.68
C GLU D 17 23.22 3.70 -18.54
N LEU D 18 22.26 4.36 -17.89
CA LEU D 18 21.12 4.92 -18.59
C LEU D 18 20.82 6.36 -18.19
N ASP D 19 20.76 7.25 -19.19
CA ASP D 19 20.26 8.60 -18.96
C ASP D 19 18.75 8.50 -18.79
N GLY D 20 18.29 8.49 -17.54
CA GLY D 20 16.90 8.25 -17.21
C GLY D 20 15.90 9.21 -17.84
N SER D 21 16.19 10.52 -17.76
CA SER D 21 15.28 11.53 -18.29
C SER D 21 15.32 11.56 -19.82
N LEU D 22 16.47 11.21 -20.39
CA LEU D 22 16.60 11.12 -21.83
C LEU D 22 15.67 10.03 -22.36
N LEU D 23 15.59 8.93 -21.61
CA LEU D 23 14.68 7.84 -21.95
C LEU D 23 13.23 8.31 -21.99
N SER D 24 12.82 9.06 -20.97
CA SER D 24 11.47 9.60 -20.92
C SER D 24 11.24 10.61 -22.04
N SER D 25 12.29 11.31 -22.44
CA SER D 25 12.19 12.27 -23.54
C SER D 25 12.01 11.53 -24.86
N GLN D 26 12.84 10.52 -25.09
CA GLN D 26 12.70 9.67 -26.26
C GLN D 26 11.36 8.98 -26.27
N PHE D 27 10.92 8.53 -25.08
CA PHE D 27 9.65 7.85 -24.94
C PHE D 27 8.48 8.72 -25.41
N ARG D 28 8.40 9.94 -24.90
CA ARG D 28 7.31 10.85 -25.27
C ARG D 28 7.43 11.23 -26.74
N ALA D 29 8.66 11.38 -27.21
CA ALA D 29 8.92 11.67 -28.63
C ALA D 29 8.28 10.61 -29.50
N LEU D 30 8.50 9.35 -29.14
CA LEU D 30 7.92 8.22 -29.86
C LEU D 30 6.43 8.06 -29.56
N GLN D 31 6.06 8.31 -28.31
CA GLN D 31 4.68 8.25 -27.86
C GLN D 31 3.82 9.19 -28.69
N LYS D 32 4.30 10.41 -28.85
CA LYS D 32 3.59 11.44 -29.58
C LYS D 32 3.68 11.22 -31.10
N ARG D 33 4.46 10.23 -31.52
CA ARG D 33 4.60 9.93 -32.94
C ARG D 33 3.82 8.70 -33.37
N PHE D 34 3.96 7.61 -32.63
CA PHE D 34 3.26 6.37 -32.93
C PHE D 34 1.97 6.24 -32.14
N HIS D 35 1.40 7.38 -31.76
CA HIS D 35 0.13 7.44 -31.05
C HIS D 35 -0.98 6.89 -31.93
N PRO D 36 -1.60 5.78 -31.51
CA PRO D 36 -2.63 5.09 -32.29
C PRO D 36 -3.86 5.95 -32.63
N ASP D 37 -4.16 6.96 -31.81
CA ASP D 37 -5.27 7.86 -32.09
C ASP D 37 -5.15 8.53 -33.46
N ASN D 38 -3.92 8.77 -33.89
CA ASN D 38 -3.63 9.34 -35.19
C ASN D 38 -4.14 8.45 -36.34
N PHE D 39 -4.33 7.18 -36.04
CA PHE D 39 -4.77 6.20 -37.04
C PHE D 39 -6.17 5.68 -36.75
N ALA D 40 -6.94 6.45 -35.98
CA ALA D 40 -8.31 6.07 -35.61
C ALA D 40 -9.25 5.92 -36.80
N THR D 41 -8.97 6.62 -37.89
CA THR D 41 -9.86 6.56 -39.06
C THR D 41 -9.18 5.92 -40.28
N ALA D 42 -8.01 5.36 -40.08
CA ALA D 42 -7.26 4.75 -41.18
C ALA D 42 -7.76 3.34 -41.51
N SER D 43 -7.11 2.68 -42.47
CA SER D 43 -7.38 1.28 -42.74
C SER D 43 -7.03 0.48 -41.48
N GLU D 44 -7.65 -0.68 -41.32
CA GLU D 44 -7.42 -1.48 -40.11
C GLU D 44 -5.99 -1.99 -40.00
N ARG D 45 -5.40 -2.39 -41.13
CA ARG D 45 -4.01 -2.83 -41.18
C ARG D 45 -3.08 -1.72 -40.68
N ASP D 46 -3.30 -0.50 -41.16
CA ASP D 46 -2.51 0.65 -40.74
C ASP D 46 -2.69 0.91 -39.25
N ARG D 47 -3.93 0.89 -38.79
CA ARG D 47 -4.25 1.14 -37.39
C ARG D 47 -3.67 0.09 -36.45
N LEU D 48 -3.77 -1.19 -36.83
CA LEU D 48 -3.26 -2.27 -35.99
C LEU D 48 -1.74 -2.28 -35.92
N MSE D 49 -1.09 -1.88 -37.02
CA MSE D 49 0.35 -1.72 -37.06
C MSE D 49 0.81 -0.61 -36.11
O MSE D 49 1.80 -0.75 -35.40
CB MSE D 49 0.82 -1.44 -38.48
CG MSE D 49 0.89 -2.69 -39.36
SE MSE D 49 1.62 -2.34 -41.14
CE MSE D 49 2.19 -4.16 -41.56
N ALA D 50 0.07 0.50 -36.12
CA ALA D 50 0.35 1.60 -35.20
C ALA D 50 0.23 1.11 -33.76
N VAL D 51 -0.81 0.32 -33.49
CA VAL D 51 -1.02 -0.25 -32.17
C VAL D 51 0.12 -1.17 -31.76
N GLN D 52 0.52 -2.06 -32.66
CA GLN D 52 1.63 -2.97 -32.40
C GLN D 52 2.92 -2.21 -32.14
N GLN D 53 3.16 -1.16 -32.93
CA GLN D 53 4.35 -0.35 -32.75
C GLN D 53 4.31 0.38 -31.40
N ALA D 54 3.13 0.91 -31.05
CA ALA D 54 2.96 1.61 -29.78
C ALA D 54 3.20 0.68 -28.59
N ALA D 55 2.65 -0.54 -28.67
CA ALA D 55 2.83 -1.52 -27.62
C ALA D 55 4.30 -1.94 -27.48
N GLN D 56 5.01 -2.02 -28.60
CA GLN D 56 6.41 -2.41 -28.58
C GLN D 56 7.29 -1.33 -27.95
N ILE D 57 6.93 -0.08 -28.18
CA ILE D 57 7.61 1.05 -27.55
C ILE D 57 7.38 0.99 -26.04
N ASN D 58 6.15 0.60 -25.67
CA ASN D 58 5.80 0.39 -24.27
C ASN D 58 6.69 -0.66 -23.63
N ASP D 59 6.71 -1.87 -24.20
CA ASP D 59 7.59 -2.95 -23.74
C ASP D 59 9.02 -2.47 -23.60
N ALA D 60 9.54 -1.85 -24.65
CA ALA D 60 10.90 -1.34 -24.68
C ALA D 60 11.18 -0.38 -23.52
N TYR D 61 10.24 0.53 -23.28
CA TYR D 61 10.39 1.50 -22.19
C TYR D 61 10.42 0.84 -20.82
N GLN D 62 9.52 -0.12 -20.59
CA GLN D 62 9.47 -0.83 -19.31
C GLN D 62 10.76 -1.59 -19.05
N THR D 63 11.24 -2.28 -20.08
CA THR D 63 12.43 -3.13 -20.00
C THR D 63 13.71 -2.35 -19.67
N LEU D 64 13.88 -1.21 -20.33
CA LEU D 64 15.07 -0.36 -20.13
C LEU D 64 15.00 0.43 -18.84
N LYS D 65 13.80 0.91 -18.50
CA LYS D 65 13.56 1.69 -17.28
C LYS D 65 13.97 0.95 -16.00
N ASP D 66 13.63 -0.33 -15.92
CA ASP D 66 13.94 -1.12 -14.74
C ASP D 66 15.31 -1.81 -14.91
N PRO D 67 16.28 -1.45 -14.05
CA PRO D 67 17.67 -1.91 -14.18
C PRO D 67 17.81 -3.42 -14.22
N LEU D 68 16.99 -4.14 -13.46
CA LEU D 68 17.01 -5.59 -13.45
C LEU D 68 16.59 -6.13 -14.81
N ARG D 69 15.47 -5.63 -15.30
CA ARG D 69 14.98 -5.99 -16.62
C ARG D 69 15.94 -5.52 -17.69
N ARG D 70 16.55 -4.35 -17.48
CA ARG D 70 17.53 -3.81 -18.41
C ARG D 70 18.75 -4.75 -18.50
N ALA D 71 19.16 -5.29 -17.35
CA ALA D 71 20.32 -6.17 -17.30
C ALA D 71 20.04 -7.52 -17.93
N GLU D 72 18.82 -8.02 -17.74
CA GLU D 72 18.40 -9.28 -18.37
C GLU D 72 18.37 -9.13 -19.89
N TYR D 73 17.88 -7.99 -20.35
CA TYR D 73 17.82 -7.71 -21.79
C TYR D 73 19.21 -7.63 -22.40
N LEU D 74 20.14 -6.96 -21.71
CA LEU D 74 21.53 -6.88 -22.16
C LEU D 74 22.14 -8.28 -22.26
N LEU D 75 21.84 -9.11 -21.27
CA LEU D 75 22.24 -10.51 -21.28
C LEU D 75 21.59 -11.23 -22.46
N SER D 76 20.30 -10.97 -22.67
CA SER D 76 19.54 -11.56 -23.77
C SER D 76 20.16 -11.26 -25.14
N LEU D 77 20.70 -10.05 -25.30
CA LEU D 77 21.36 -9.66 -26.54
C LEU D 77 22.59 -10.54 -26.81
N GLN D 78 23.22 -11.02 -25.74
CA GLN D 78 24.38 -11.89 -25.87
C GLN D 78 23.95 -13.33 -26.16
N GLY D 79 22.67 -13.52 -26.42
CA GLY D 79 22.13 -14.84 -26.69
C GLY D 79 21.93 -15.65 -25.42
N ILE D 80 22.04 -14.98 -24.28
CA ILE D 80 21.94 -15.66 -22.99
C ILE D 80 20.54 -15.54 -22.37
N GLU D 81 19.90 -16.67 -22.15
CA GLU D 81 18.70 -16.71 -21.31
C GLU D 81 19.01 -17.57 -20.09
N MSE D 82 18.50 -17.17 -18.95
CA MSE D 82 18.75 -17.92 -17.71
C MSE D 82 17.47 -18.61 -17.26
O MSE D 82 16.37 -18.11 -17.47
CB MSE D 82 19.27 -16.98 -16.62
CG MSE D 82 20.45 -17.52 -15.85
SE MSE D 82 22.13 -17.64 -16.87
CE MSE D 82 23.30 -18.20 -15.42
N ASN D 83 17.64 -19.78 -16.63
CA ASN D 83 16.50 -20.46 -16.02
C ASN D 83 16.47 -20.11 -14.54
N ALA D 84 15.76 -19.03 -14.22
CA ALA D 84 15.82 -18.42 -12.88
C ALA D 84 15.20 -19.23 -11.74
N GLU D 85 15.51 -20.52 -11.69
CA GLU D 85 15.20 -21.33 -10.51
C GLU D 85 16.24 -22.44 -10.25
N GLN D 86 16.51 -23.28 -11.24
CA GLN D 86 17.54 -24.31 -11.09
C GLN D 86 18.92 -23.65 -11.06
N GLN D 87 18.99 -22.44 -11.59
CA GLN D 87 20.16 -21.60 -11.47
C GLN D 87 20.36 -21.14 -10.02
N THR D 88 19.26 -20.85 -9.32
CA THR D 88 19.35 -20.45 -7.92
C THR D 88 19.47 -21.66 -6.99
N LEU D 89 19.02 -22.82 -7.46
CA LEU D 89 19.25 -24.08 -6.73
C LEU D 89 20.75 -24.44 -6.81
N GLN D 90 21.41 -23.94 -7.84
CA GLN D 90 22.86 -24.07 -8.01
C GLN D 90 23.63 -23.34 -6.90
N ASP D 91 22.99 -22.38 -6.25
CA ASP D 91 23.67 -21.56 -5.24
C ASP D 91 23.04 -21.64 -3.85
N PRO D 92 23.24 -22.76 -3.15
CA PRO D 92 22.60 -23.07 -1.85
C PRO D 92 23.08 -22.17 -0.72
N MSE D 93 24.34 -21.76 -0.74
CA MSE D 93 24.85 -20.83 0.28
C MSE D 93 24.03 -19.55 0.30
O MSE D 93 23.74 -18.99 1.37
CB MSE D 93 26.33 -20.51 0.05
CG MSE D 93 27.30 -21.68 0.20
SE MSE D 93 27.31 -22.50 1.98
CE MSE D 93 27.46 -20.90 3.08
N PHE D 94 23.64 -19.05 -0.87
CA PHE D 94 22.83 -17.85 -0.91
C PHE D 94 21.40 -18.14 -0.46
N LEU D 95 20.90 -19.32 -0.80
CA LEU D 95 19.57 -19.74 -0.36
C LEU D 95 19.49 -19.72 1.17
N MSE D 96 20.54 -20.21 1.81
CA MSE D 96 20.63 -20.16 3.27
C MSE D 96 20.65 -18.73 3.80
O MSE D 96 20.05 -18.44 4.82
CB MSE D 96 21.87 -20.91 3.75
CG MSE D 96 21.57 -22.33 4.17
SE MSE D 96 23.01 -23.14 5.17
CE MSE D 96 24.38 -23.08 3.81
N GLU D 97 21.34 -17.85 3.09
CA GLU D 97 21.37 -16.45 3.47
C GLU D 97 19.96 -15.87 3.37
N GLN D 98 19.26 -16.23 2.30
CA GLN D 98 17.86 -15.81 2.11
C GLN D 98 17.00 -16.22 3.29
N MSE D 99 17.21 -17.46 3.76
CA MSE D 99 16.44 -18.01 4.87
C MSE D 99 16.72 -17.27 6.18
O MSE D 99 15.79 -16.98 6.93
CB MSE D 99 16.73 -19.51 5.02
CG MSE D 99 16.15 -20.38 3.90
SE MSE D 99 16.59 -22.27 4.09
CE MSE D 99 15.59 -22.99 2.57
N GLU D 100 17.98 -16.97 6.44
CA GLU D 100 18.37 -16.20 7.63
C GLU D 100 17.69 -14.84 7.67
N LEU D 101 17.62 -14.18 6.52
CA LEU D 101 17.02 -12.87 6.42
C LEU D 101 15.51 -12.90 6.60
N ARG D 102 14.87 -13.91 6.02
CA ARG D 102 13.43 -14.11 6.21
C ARG D 102 13.12 -14.41 7.66
N GLU D 103 13.89 -15.32 8.25
CA GLU D 103 13.79 -15.63 9.67
C GLU D 103 13.91 -14.36 10.51
N GLU D 104 14.92 -13.56 10.22
CA GLU D 104 15.16 -12.33 10.95
C GLU D 104 14.03 -11.32 10.75
N LEU D 105 13.34 -11.41 9.62
CA LEU D 105 12.23 -10.50 9.35
C LEU D 105 11.02 -10.85 10.20
N GLU D 106 10.76 -12.13 10.36
CA GLU D 106 9.68 -12.61 11.23
C GLU D 106 10.03 -12.34 12.68
N SER D 107 11.32 -12.10 12.94
CA SER D 107 11.82 -11.85 14.28
C SER D 107 11.60 -10.40 14.72
N VAL D 108 11.23 -9.54 13.77
CA VAL D 108 10.96 -8.13 14.06
C VAL D 108 9.73 -7.95 14.95
N THR D 109 8.62 -8.58 14.55
CA THR D 109 7.35 -8.46 15.27
C THR D 109 7.39 -9.06 16.68
N ALA D 110 8.52 -9.66 17.05
CA ALA D 110 8.63 -10.37 18.32
C ALA D 110 9.64 -9.76 19.29
N CYS D 111 10.07 -8.53 19.03
CA CYS D 111 10.90 -7.81 19.99
C CYS D 111 10.02 -6.82 20.75
N ALA D 112 10.64 -6.05 21.65
CA ALA D 112 10.01 -4.86 22.19
C ALA D 112 10.79 -3.68 21.61
N ASP D 113 10.06 -2.68 21.13
CA ASP D 113 10.56 -1.71 20.14
C ASP D 113 10.87 -2.40 18.82
N PRO D 114 9.82 -2.90 18.14
CA PRO D 114 9.95 -3.63 16.87
C PRO D 114 9.91 -2.70 15.67
N GLU D 115 9.50 -1.46 15.89
CA GLU D 115 9.47 -0.46 14.83
C GLU D 115 10.89 -0.02 14.46
N ALA D 116 11.74 0.10 15.47
CA ALA D 116 13.15 0.40 15.22
C ALA D 116 13.87 -0.81 14.65
N ALA D 117 13.32 -1.99 14.91
CA ALA D 117 13.84 -3.23 14.35
C ALA D 117 13.63 -3.26 12.84
N LEU D 118 12.43 -2.89 12.40
CA LEU D 118 12.13 -2.85 10.98
C LEU D 118 12.98 -1.82 10.26
N VAL D 119 13.21 -0.67 10.90
CA VAL D 119 14.10 0.36 10.36
C VAL D 119 15.50 -0.20 10.15
N ALA D 120 16.02 -0.91 11.15
CA ALA D 120 17.33 -1.54 11.06
C ALA D 120 17.41 -2.58 9.95
N PHE D 121 16.37 -3.39 9.82
CA PHE D 121 16.31 -4.41 8.77
C PHE D 121 16.18 -3.75 7.40
N ASP D 122 15.32 -2.73 7.31
CA ASP D 122 15.07 -2.03 6.06
C ASP D 122 16.33 -1.36 5.51
N THR D 123 17.14 -0.80 6.42
CA THR D 123 18.40 -0.16 6.03
C THR D 123 19.41 -1.19 5.55
N LYS D 124 19.47 -2.33 6.23
CA LYS D 124 20.36 -3.42 5.84
C LYS D 124 20.04 -3.96 4.43
N VAL D 125 18.76 -4.25 4.19
CA VAL D 125 18.32 -4.75 2.89
C VAL D 125 18.63 -3.75 1.77
N THR D 126 18.33 -2.49 2.03
CA THR D 126 18.65 -1.40 1.11
C THR D 126 20.14 -1.39 0.79
N ALA D 127 20.96 -1.47 1.84
CA ALA D 127 22.41 -1.51 1.67
C ALA D 127 22.84 -2.71 0.84
N MSE D 128 22.20 -3.86 1.08
CA MSE D 128 22.46 -5.06 0.30
C MSE D 128 22.09 -4.83 -1.15
O MSE D 128 22.82 -5.26 -2.06
CB MSE D 128 21.66 -6.24 0.85
CG MSE D 128 22.23 -6.86 2.10
SE MSE D 128 21.06 -8.27 2.78
CE MSE D 128 21.00 -9.39 1.21
N GLN D 129 20.98 -4.13 -1.40
CA GLN D 129 20.54 -3.86 -2.75
C GLN D 129 21.50 -2.93 -3.48
N ARG D 130 21.85 -1.81 -2.83
CA ARG D 130 22.82 -0.86 -3.36
C ARG D 130 24.09 -1.58 -3.78
N HIS D 131 24.54 -2.50 -2.93
CA HIS D 131 25.79 -3.22 -3.16
C HIS D 131 25.73 -4.14 -4.39
N TYR D 132 24.69 -4.96 -4.47
CA TYR D 132 24.53 -5.89 -5.59
C TYR D 132 24.36 -5.18 -6.93
N LEU D 133 23.68 -4.03 -6.91
CA LEU D 133 23.55 -3.20 -8.11
C LEU D 133 24.90 -2.68 -8.59
N ALA D 134 25.72 -2.22 -7.65
CA ALA D 134 27.05 -1.70 -7.98
C ALA D 134 27.93 -2.81 -8.55
N GLN D 135 27.80 -4.01 -7.99
CA GLN D 135 28.54 -5.17 -8.48
C GLN D 135 28.06 -5.57 -9.88
N LEU D 136 26.74 -5.58 -10.07
CA LEU D 136 26.15 -5.88 -11.37
C LEU D 136 26.59 -4.89 -12.45
N GLN D 137 26.60 -3.61 -12.10
CA GLN D 137 27.00 -2.55 -13.02
C GLN D 137 28.47 -2.73 -13.43
N GLY D 138 29.32 -3.02 -12.46
CA GLY D 138 30.73 -3.24 -12.74
C GLY D 138 30.96 -4.51 -13.53
N GLN D 139 30.10 -5.49 -13.31
CA GLN D 139 30.23 -6.78 -13.98
C GLN D 139 29.81 -6.70 -15.45
N LEU D 140 28.72 -6.00 -15.72
CA LEU D 140 28.24 -5.81 -17.10
C LEU D 140 29.19 -4.90 -17.87
N ALA D 141 29.86 -4.01 -17.14
CA ALA D 141 30.81 -3.08 -17.75
C ALA D 141 32.08 -3.81 -18.19
N GLN D 142 32.44 -4.84 -17.43
CA GLN D 142 33.61 -5.65 -17.76
C GLN D 142 33.21 -6.91 -18.53
N SER D 143 31.94 -6.99 -18.91
CA SER D 143 31.41 -8.09 -19.73
C SER D 143 31.42 -9.49 -19.09
N GLU D 144 31.50 -9.54 -17.75
CA GLU D 144 31.32 -10.80 -17.05
C GLU D 144 29.83 -11.13 -16.93
N TRP D 145 29.27 -11.68 -18.01
CA TRP D 145 27.82 -11.92 -18.07
C TRP D 145 27.37 -12.96 -17.06
N LEU D 146 28.22 -13.95 -16.80
CA LEU D 146 27.92 -14.96 -15.79
C LEU D 146 27.82 -14.29 -14.43
N ALA D 147 28.87 -13.58 -14.03
CA ALA D 147 28.90 -12.92 -12.73
C ALA D 147 27.89 -11.75 -12.65
N ALA D 148 27.20 -11.48 -13.74
CA ALA D 148 26.09 -10.54 -13.74
C ALA D 148 24.78 -11.29 -13.54
N ALA D 149 24.69 -12.48 -14.14
CA ALA D 149 23.48 -13.30 -14.08
C ALA D 149 23.15 -13.77 -12.67
N ASP D 150 24.15 -13.83 -11.80
CA ASP D 150 23.91 -14.18 -10.40
C ASP D 150 23.61 -12.94 -9.55
N GLN D 151 24.12 -11.78 -9.98
CA GLN D 151 23.75 -10.52 -9.35
C GLN D 151 22.29 -10.22 -9.59
N ILE D 152 21.84 -10.41 -10.83
CA ILE D 152 20.43 -10.29 -11.17
C ILE D 152 19.63 -11.25 -10.32
N ARG D 153 20.12 -12.49 -10.25
CA ARG D 153 19.53 -13.54 -9.42
C ARG D 153 19.36 -13.08 -7.96
N LYS D 154 20.41 -12.51 -7.39
CA LYS D 154 20.35 -12.05 -6.00
C LYS D 154 19.43 -10.85 -5.84
N LEU D 155 19.45 -9.97 -6.83
CA LEU D 155 18.61 -8.77 -6.80
C LEU D 155 17.12 -9.11 -6.96
N LYS D 156 16.81 -10.16 -7.71
CA LYS D 156 15.44 -10.65 -7.81
C LYS D 156 14.94 -11.02 -6.41
N PHE D 157 15.75 -11.77 -5.67
CA PHE D 157 15.38 -12.11 -4.29
C PHE D 157 15.26 -10.87 -3.42
N ILE D 158 16.19 -9.93 -3.58
CA ILE D 158 16.16 -8.68 -2.84
C ILE D 158 14.83 -7.96 -3.03
N ALA D 159 14.39 -7.88 -4.29
CA ALA D 159 13.11 -7.26 -4.62
C ALA D 159 11.95 -7.96 -3.91
N LYS D 160 12.01 -9.29 -3.87
CA LYS D 160 11.00 -10.07 -3.16
C LYS D 160 11.02 -9.78 -1.65
N LEU D 161 12.22 -9.65 -1.10
CA LEU D 161 12.38 -9.43 0.34
C LEU D 161 11.88 -8.05 0.75
N LYS D 162 12.14 -7.04 -0.08
CA LYS D 162 11.64 -5.69 0.16
C LYS D 162 10.12 -5.66 0.21
N ASN D 163 9.48 -6.45 -0.64
CA ASN D 163 8.02 -6.57 -0.62
C ASN D 163 7.53 -7.19 0.69
N GLU D 164 8.24 -8.22 1.16
CA GLU D 164 7.94 -8.81 2.45
C GLU D 164 8.13 -7.79 3.58
N VAL D 165 9.15 -6.95 3.44
CA VAL D 165 9.42 -5.88 4.42
C VAL D 165 8.28 -4.86 4.44
N GLU D 166 7.76 -4.53 3.26
CA GLU D 166 6.64 -3.60 3.17
C GLU D 166 5.39 -4.20 3.84
N ARG D 167 5.23 -5.51 3.67
CA ARG D 167 4.11 -6.22 4.30
C ARG D 167 4.18 -6.08 5.81
N VAL D 168 5.37 -6.22 6.37
CA VAL D 168 5.57 -6.05 7.79
C VAL D 168 5.36 -4.60 8.22
N GLU D 169 5.75 -3.66 7.38
CA GLU D 169 5.56 -2.25 7.69
C GLU D 169 4.08 -1.87 7.70
N ASP D 170 3.34 -2.42 6.74
CA ASP D 170 1.91 -2.16 6.65
C ASP D 170 1.14 -2.74 7.83
N GLN D 171 1.69 -3.78 8.45
CA GLN D 171 1.08 -4.33 9.67
C GLN D 171 1.44 -3.49 10.89
N LEU D 172 2.68 -3.03 10.96
CA LEU D 172 3.16 -2.26 12.11
C LEU D 172 2.58 -0.84 12.18
N LEU D 173 2.10 -0.32 11.04
CA LEU D 173 1.54 1.03 11.02
C LEU D 173 0.46 1.21 9.97
CA CA E . -10.02 -0.85 -2.38
CA CA F . -2.33 0.59 -1.38
CA CA G . 8.64 3.01 4.88
CA CA H . 2.12 -0.18 1.81
CA CA I . 5.76 1.47 3.46
#